data_9B9P
#
_entry.id   9B9P
#
_cell.length_a   69.929
_cell.length_b   95.719
_cell.length_c   111.356
_cell.angle_alpha   90.000
_cell.angle_beta   90.000
_cell.angle_gamma   90.000
#
_symmetry.space_group_name_H-M   'P 21 21 21'
#
loop_
_entity.id
_entity.type
_entity.pdbx_description
1 polymer 'Ketol-acid reductoisomerase (NADP(+))'
2 non-polymer 6-hydroxy-2-phenyl[1,3]thiazolo[4,5-d]pyrimidine-5,7(4H,6H)-dione
3 non-polymer 'MAGNESIUM ION'
4 water water
#
_entity_poly.entity_id   1
_entity_poly.type   'polypeptide(L)'
_entity_poly.pdbx_seq_one_letter_code
;MTTVYYDQDVKTDALQGKKIAVVGYGSQGHAHAQNLKDNGYDVVIGIRPGRSFDKAKEDGFDVFPVAEAVKQADVIMVLL
PDEIQGDVYKNEIEPNLEKHNALAFAHGFNIHFGVIQPPADVDVFLVAPKGPGHLVRRTFVEGSAVPSLFGIQQDASGQA
RNIALSYAKGIGATRAGVIETTFKEETETDLFGEQAVLCGGVSKLIQSGFETLVEAGYQPELAYFEVLHEMKLIVDLMYE
GGMENVRYSISNTAEFGDYVSGPRVITPDVKENMKAVLTDIQNGNFSNRFIEDNKNGFKEFYKLREEQHGHQIEKVGREL
REMMPFIKSKSIEKHHHHHH
;
_entity_poly.pdbx_strand_id   A,B
#
loop_
_chem_comp.id
_chem_comp.type
_chem_comp.name
_chem_comp.formula
A1AKJ non-polymer 6-hydroxy-2-phenyl[1,3]thiazolo[4,5-d]pyrimidine-5,7(4H,6H)-dione 'C11 H7 N3 O3 S'
MG non-polymer 'MAGNESIUM ION' 'Mg 2'
#
# COMPACT_ATOMS: atom_id res chain seq x y z
N THR A 3 12.11 8.00 24.47
CA THR A 3 11.55 7.19 25.54
C THR A 3 10.40 6.35 25.00
N VAL A 4 10.46 5.04 25.23
CA VAL A 4 9.46 4.09 24.74
C VAL A 4 9.02 3.22 25.90
N TYR A 5 7.73 3.28 26.24
CA TYR A 5 7.16 2.56 27.38
C TYR A 5 6.49 1.26 26.98
N TYR A 6 6.93 0.17 27.60
CA TYR A 6 6.37 -1.16 27.42
C TYR A 6 5.39 -1.45 28.53
N ASP A 7 4.98 -2.72 28.63
CA ASP A 7 4.09 -3.13 29.71
C ASP A 7 4.79 -3.09 31.06
N GLN A 8 6.13 -3.21 31.09
CA GLN A 8 6.88 -3.36 32.33
C GLN A 8 7.44 -2.06 32.87
N ASP A 9 7.26 -0.94 32.16
CA ASP A 9 7.80 0.33 32.61
C ASP A 9 6.74 1.19 33.27
N VAL A 10 5.51 0.71 33.34
CA VAL A 10 4.47 1.37 34.12
C VAL A 10 4.78 1.23 35.60
N LYS A 11 4.58 2.32 36.34
CA LYS A 11 4.84 2.34 37.77
C LYS A 11 3.56 2.15 38.57
N THR A 12 2.56 2.98 38.31
CA THR A 12 1.32 3.00 39.08
C THR A 12 0.14 2.79 38.15
N ASP A 13 -0.79 1.94 38.58
CA ASP A 13 -2.06 1.80 37.87
C ASP A 13 -3.00 2.84 38.48
N ALA A 14 -2.82 4.09 38.04
CA ALA A 14 -3.56 5.22 38.58
C ALA A 14 -5.03 5.20 38.17
N LEU A 15 -5.39 4.39 37.18
CA LEU A 15 -6.76 4.39 36.69
C LEU A 15 -7.67 3.48 37.51
N GLN A 16 -7.09 2.55 38.26
CA GLN A 16 -7.89 1.62 39.06
C GLN A 16 -8.74 2.37 40.07
N GLY A 17 -10.03 2.03 40.10
CA GLY A 17 -10.98 2.70 40.97
C GLY A 17 -11.66 3.90 40.37
N LYS A 18 -11.25 4.33 39.18
CA LYS A 18 -11.84 5.48 38.53
C LYS A 18 -12.91 5.04 37.53
N LYS A 19 -13.92 5.88 37.36
CA LYS A 19 -14.99 5.62 36.39
C LYS A 19 -14.63 6.28 35.07
N ILE A 20 -14.60 5.50 34.00
CA ILE A 20 -14.20 6.00 32.68
C ILE A 20 -15.45 6.32 31.89
N ALA A 21 -15.51 7.55 31.37
CA ALA A 21 -16.59 7.98 30.48
C ALA A 21 -16.05 8.02 29.05
N VAL A 22 -16.58 7.14 28.21
CA VAL A 22 -16.29 7.15 26.79
C VAL A 22 -17.39 7.92 26.08
N VAL A 23 -17.04 9.05 25.49
CA VAL A 23 -18.00 9.92 24.82
C VAL A 23 -18.03 9.54 23.34
N GLY A 24 -19.15 9.00 22.91
CA GLY A 24 -19.29 8.48 21.57
C GLY A 24 -19.12 6.97 21.56
N TYR A 25 -19.74 6.31 20.59
CA TYR A 25 -19.66 4.86 20.49
C TYR A 25 -19.49 4.44 19.03
N GLY A 26 -18.37 4.84 18.44
CA GLY A 26 -17.98 4.42 17.13
C GLY A 26 -17.02 3.22 17.18
N SER A 27 -16.32 3.01 16.06
CA SER A 27 -15.29 1.98 16.03
C SER A 27 -14.24 2.21 17.10
N GLN A 28 -13.96 3.47 17.42
CA GLN A 28 -13.04 3.78 18.51
C GLN A 28 -13.68 3.49 19.87
N GLY A 29 -14.95 3.88 20.04
CA GLY A 29 -15.62 3.63 21.30
C GLY A 29 -15.74 2.16 21.65
N HIS A 30 -16.13 1.33 20.68
CA HIS A 30 -16.25 -0.10 20.92
C HIS A 30 -14.92 -0.71 21.36
N ALA A 31 -13.81 -0.22 20.81
CA ALA A 31 -12.52 -0.81 21.15
C ALA A 31 -12.06 -0.37 22.54
N HIS A 32 -12.14 0.93 22.83
CA HIS A 32 -11.73 1.42 24.14
C HIS A 32 -12.60 0.84 25.25
N ALA A 33 -13.92 0.85 25.05
CA ALA A 33 -14.83 0.37 26.09
C ALA A 33 -14.65 -1.12 26.33
N GLN A 34 -14.53 -1.92 25.27
CA GLN A 34 -14.46 -3.36 25.45
C GLN A 34 -13.09 -3.79 26.00
N ASN A 35 -12.02 -3.14 25.55
CA ASN A 35 -10.70 -3.47 26.09
C ASN A 35 -10.60 -3.10 27.56
N LEU A 36 -11.13 -1.94 27.95
CA LEU A 36 -11.13 -1.54 29.35
C LEU A 36 -11.99 -2.47 30.18
N LYS A 37 -13.15 -2.88 29.65
CA LYS A 37 -13.99 -3.85 30.34
C LYS A 37 -13.32 -5.21 30.41
N ASP A 38 -12.64 -5.61 29.33
CA ASP A 38 -11.91 -6.88 29.35
C ASP A 38 -10.79 -6.84 30.37
N ASN A 39 -10.29 -5.65 30.70
CA ASN A 39 -9.24 -5.48 31.69
C ASN A 39 -9.79 -5.14 33.06
N GLY A 40 -11.08 -5.35 33.30
CA GLY A 40 -11.63 -5.22 34.63
C GLY A 40 -11.77 -3.80 35.12
N TYR A 41 -12.08 -2.86 34.23
CA TYR A 41 -12.28 -1.48 34.60
C TYR A 41 -13.75 -1.12 34.53
N ASP A 42 -14.12 -0.07 35.25
CA ASP A 42 -15.51 0.39 35.27
C ASP A 42 -15.66 1.46 34.20
N VAL A 43 -16.35 1.10 33.12
CA VAL A 43 -16.50 1.98 31.95
C VAL A 43 -17.98 2.23 31.69
N VAL A 44 -18.32 3.49 31.52
CA VAL A 44 -19.65 3.91 31.09
C VAL A 44 -19.51 4.70 29.80
N ILE A 45 -20.54 4.65 28.96
CA ILE A 45 -20.57 5.35 27.69
C ILE A 45 -21.55 6.52 27.81
N GLY A 46 -21.08 7.71 27.45
CA GLY A 46 -21.91 8.87 27.36
C GLY A 46 -22.14 9.22 25.89
N ILE A 47 -23.41 9.16 25.48
CA ILE A 47 -23.77 9.34 24.08
C ILE A 47 -25.21 9.81 24.03
N ARG A 48 -25.51 10.64 23.03
CA ARG A 48 -26.89 11.06 22.81
C ARG A 48 -27.72 9.87 22.32
N PRO A 49 -29.03 9.89 22.56
CA PRO A 49 -29.89 8.81 22.06
C PRO A 49 -29.87 8.77 20.54
N GLY A 50 -30.07 7.57 20.01
CA GLY A 50 -30.03 7.36 18.58
C GLY A 50 -29.61 5.94 18.27
N ARG A 51 -29.27 5.71 17.00
CA ARG A 51 -28.93 4.37 16.56
C ARG A 51 -27.60 3.89 17.13
N SER A 52 -26.74 4.80 17.60
CA SER A 52 -25.52 4.37 18.26
C SER A 52 -25.75 4.09 19.74
N PHE A 53 -26.74 4.77 20.34
CA PHE A 53 -27.11 4.49 21.72
C PHE A 53 -27.52 3.03 21.90
N ASP A 54 -28.31 2.50 20.96
CA ASP A 54 -28.83 1.15 21.11
C ASP A 54 -27.72 0.11 21.03
N LYS A 55 -26.74 0.33 20.14
CA LYS A 55 -25.66 -0.65 19.99
C LYS A 55 -24.83 -0.75 21.26
N ALA A 56 -24.60 0.37 21.96
CA ALA A 56 -23.83 0.34 23.20
C ALA A 56 -24.56 -0.44 24.28
N LYS A 57 -25.88 -0.23 24.40
CA LYS A 57 -26.67 -1.01 25.34
C LYS A 57 -26.69 -2.49 24.94
N GLU A 58 -26.78 -2.75 23.63
CA GLU A 58 -26.82 -4.13 23.13
C GLU A 58 -25.53 -4.89 23.44
N ASP A 59 -24.38 -4.19 23.45
CA ASP A 59 -23.11 -4.84 23.71
C ASP A 59 -22.88 -5.17 25.19
N GLY A 60 -23.84 -4.85 26.05
CA GLY A 60 -23.74 -5.21 27.45
C GLY A 60 -23.08 -4.19 28.34
N PHE A 61 -23.02 -2.93 27.90
CA PHE A 61 -22.40 -1.86 28.66
C PHE A 61 -23.44 -1.03 29.39
N ASP A 62 -23.05 -0.43 30.50
CA ASP A 62 -23.88 0.58 31.15
C ASP A 62 -23.77 1.88 30.37
N VAL A 63 -24.91 2.37 29.89
CA VAL A 63 -24.96 3.53 29.00
C VAL A 63 -25.81 4.59 29.65
N PHE A 64 -25.33 5.82 29.62
CA PHE A 64 -25.97 6.98 30.23
C PHE A 64 -26.09 8.06 29.18
N PRO A 65 -26.91 9.08 29.43
CA PRO A 65 -26.72 10.33 28.68
C PRO A 65 -25.34 10.85 28.99
N VAL A 66 -24.70 11.42 27.97
CA VAL A 66 -23.34 11.92 28.13
C VAL A 66 -23.24 13.00 29.21
N ALA A 67 -24.32 13.74 29.46
CA ALA A 67 -24.32 14.64 30.62
C ALA A 67 -24.21 13.85 31.93
N GLU A 68 -25.00 12.79 32.07
CA GLU A 68 -24.99 12.01 33.30
C GLU A 68 -23.67 11.25 33.47
N ALA A 69 -23.15 10.68 32.39
CA ALA A 69 -21.91 9.92 32.47
C ALA A 69 -20.74 10.80 32.91
N VAL A 70 -20.73 12.06 32.47
CA VAL A 70 -19.63 12.96 32.82
C VAL A 70 -19.68 13.30 34.32
N LYS A 71 -20.87 13.61 34.83
CA LYS A 71 -21.01 13.92 36.25
C LYS A 71 -20.56 12.73 37.11
N GLN A 72 -20.94 11.51 36.74
CA GLN A 72 -20.58 10.34 37.54
C GLN A 72 -19.08 10.06 37.46
N ALA A 73 -18.49 10.26 36.29
CA ALA A 73 -17.11 9.84 36.05
C ALA A 73 -16.15 10.97 36.40
N ASP A 74 -14.87 10.59 36.54
CA ASP A 74 -13.80 11.55 36.77
C ASP A 74 -12.91 11.74 35.55
N VAL A 75 -12.96 10.83 34.58
CA VAL A 75 -12.22 10.97 33.33
C VAL A 75 -13.19 10.84 32.17
N ILE A 76 -13.09 11.76 31.21
CA ILE A 76 -14.01 11.85 30.09
C ILE A 76 -13.15 11.75 28.84
N MET A 77 -13.42 10.76 28.01
CA MET A 77 -12.67 10.54 26.79
C MET A 77 -13.59 10.80 25.60
N VAL A 78 -13.12 11.60 24.67
CA VAL A 78 -13.94 12.08 23.55
C VAL A 78 -13.48 11.34 22.32
N LEU A 79 -14.37 10.52 21.77
CA LEU A 79 -14.11 9.76 20.56
C LEU A 79 -15.02 10.17 19.42
N LEU A 80 -15.50 11.39 19.44
CA LEU A 80 -16.38 11.93 18.43
C LEU A 80 -15.56 12.48 17.27
N PRO A 81 -16.17 12.60 16.08
CA PRO A 81 -15.48 13.26 14.97
C PRO A 81 -15.05 14.67 15.35
N ASP A 82 -13.97 15.12 14.70
CA ASP A 82 -13.32 16.36 15.07
C ASP A 82 -14.21 17.59 14.89
N GLU A 83 -15.08 17.58 13.88
CA GLU A 83 -15.88 18.77 13.58
C GLU A 83 -17.06 18.98 14.52
N ILE A 84 -17.49 17.94 15.25
CA ILE A 84 -18.62 18.10 16.16
C ILE A 84 -18.19 18.36 17.60
N GLN A 85 -16.92 18.12 17.95
CA GLN A 85 -16.52 18.15 19.35
C GLN A 85 -16.76 19.52 19.99
N GLY A 86 -16.51 20.59 19.24
CA GLY A 86 -16.62 21.92 19.80
C GLY A 86 -18.03 22.22 20.30
N ASP A 87 -19.04 21.85 19.53
CA ASP A 87 -20.41 22.12 19.94
C ASP A 87 -20.80 21.25 21.12
N VAL A 88 -20.35 19.99 21.14
CA VAL A 88 -20.69 19.08 22.23
C VAL A 88 -19.99 19.51 23.52
N TYR A 89 -18.78 20.04 23.40
CA TYR A 89 -18.03 20.48 24.58
C TYR A 89 -18.78 21.58 25.32
N LYS A 90 -19.21 22.62 24.60
CA LYS A 90 -19.90 23.75 25.20
C LYS A 90 -21.13 23.29 25.98
N ASN A 91 -21.98 22.50 25.34
CA ASN A 91 -23.32 22.24 25.84
C ASN A 91 -23.50 20.87 26.48
N GLU A 92 -22.44 20.11 26.69
CA GLU A 92 -22.67 18.81 27.33
C GLU A 92 -21.57 18.33 28.26
N ILE A 93 -20.34 18.84 28.21
CA ILE A 93 -19.31 18.39 29.14
C ILE A 93 -18.85 19.51 30.08
N GLU A 94 -18.58 20.70 29.56
CA GLU A 94 -17.85 21.70 30.35
C GLU A 94 -18.60 22.21 31.59
N PRO A 95 -19.94 22.27 31.65
CA PRO A 95 -20.60 22.56 32.93
C PRO A 95 -20.46 21.42 33.93
N ASN A 96 -20.23 20.19 33.46
CA ASN A 96 -20.27 18.99 34.28
C ASN A 96 -18.89 18.54 34.73
N LEU A 97 -17.85 19.33 34.45
CA LEU A 97 -16.50 18.99 34.89
C LEU A 97 -16.33 19.36 36.35
N GLU A 98 -15.44 18.63 37.02
CA GLU A 98 -15.16 18.88 38.43
C GLU A 98 -13.65 19.01 38.63
N LYS A 99 -13.29 19.53 39.81
CA LYS A 99 -11.89 19.72 40.16
C LYS A 99 -11.10 18.44 40.01
N HIS A 100 -9.96 18.53 39.32
CA HIS A 100 -9.03 17.43 39.11
C HIS A 100 -9.65 16.28 38.32
N ASN A 101 -10.74 16.53 37.59
CA ASN A 101 -11.15 15.60 36.55
C ASN A 101 -10.12 15.61 35.41
N ALA A 102 -10.18 14.56 34.60
CA ALA A 102 -9.30 14.46 33.44
C ALA A 102 -10.15 14.44 32.18
N LEU A 103 -9.86 15.36 31.27
CA LEU A 103 -10.46 15.34 29.94
C LEU A 103 -9.51 14.62 29.00
N ALA A 104 -10.04 13.68 28.21
CA ALA A 104 -9.21 12.84 27.37
C ALA A 104 -9.65 12.92 25.90
N PHE A 105 -8.66 12.78 25.03
CA PHE A 105 -8.84 12.82 23.58
C PHE A 105 -8.04 11.68 22.96
N ALA A 106 -8.36 11.39 21.70
CA ALA A 106 -7.53 10.52 20.88
C ALA A 106 -6.89 11.26 19.72
N HIS A 107 -7.10 12.58 19.65
CA HIS A 107 -6.59 13.40 18.55
C HIS A 107 -6.63 14.84 19.02
N GLY A 108 -5.52 15.55 18.85
CA GLY A 108 -5.35 16.87 19.42
C GLY A 108 -5.89 18.03 18.62
N PHE A 109 -6.63 17.79 17.54
CA PHE A 109 -7.08 18.87 16.65
C PHE A 109 -7.76 20.00 17.42
N ASN A 110 -8.78 19.66 18.22
CA ASN A 110 -9.64 20.69 18.79
C ASN A 110 -8.91 21.51 19.84
N ILE A 111 -8.04 20.88 20.62
CA ILE A 111 -7.36 21.59 21.70
C ILE A 111 -6.26 22.50 21.16
N HIS A 112 -5.42 21.97 20.27
CA HIS A 112 -4.26 22.74 19.81
C HIS A 112 -4.65 23.97 19.01
N PHE A 113 -5.72 23.88 18.22
CA PHE A 113 -6.16 24.98 17.38
C PHE A 113 -7.13 25.92 18.11
N GLY A 114 -7.38 25.71 19.40
CA GLY A 114 -8.13 26.65 20.19
C GLY A 114 -9.63 26.55 20.11
N VAL A 115 -10.17 25.48 19.52
CA VAL A 115 -11.62 25.32 19.48
C VAL A 115 -12.16 25.07 20.88
N ILE A 116 -11.46 24.26 21.66
CA ILE A 116 -11.83 23.96 23.04
C ILE A 116 -10.79 24.60 23.95
N GLN A 117 -11.26 25.40 24.90
CA GLN A 117 -10.39 26.05 25.88
C GLN A 117 -10.86 25.59 27.26
N PRO A 118 -10.28 24.51 27.78
CA PRO A 118 -10.78 23.91 29.02
C PRO A 118 -10.45 24.75 30.24
N PRO A 119 -11.16 24.54 31.35
CA PRO A 119 -10.81 25.24 32.59
C PRO A 119 -9.47 24.77 33.12
N ALA A 120 -8.86 25.64 33.93
CA ALA A 120 -7.52 25.38 34.45
C ALA A 120 -7.45 24.24 35.47
N ASP A 121 -8.57 23.84 36.07
CA ASP A 121 -8.53 22.91 37.19
C ASP A 121 -8.86 21.47 36.78
N VAL A 122 -8.70 21.13 35.50
CA VAL A 122 -8.92 19.77 35.03
C VAL A 122 -7.69 19.30 34.26
N ASP A 123 -7.41 18.00 34.36
CA ASP A 123 -6.32 17.42 33.59
C ASP A 123 -6.73 17.26 32.13
N VAL A 124 -5.75 17.43 31.24
CA VAL A 124 -5.94 17.23 29.81
C VAL A 124 -4.80 16.37 29.31
N PHE A 125 -5.12 15.22 28.75
CA PHE A 125 -4.11 14.34 28.19
C PHE A 125 -4.63 13.72 26.90
N LEU A 126 -3.73 13.07 26.17
CA LEU A 126 -4.04 12.41 24.91
C LEU A 126 -3.42 11.03 24.90
N VAL A 127 -4.14 10.07 24.34
CA VAL A 127 -3.61 8.74 24.04
C VAL A 127 -4.15 8.38 22.66
N ALA A 128 -3.28 8.42 21.66
CA ALA A 128 -3.71 8.25 20.28
C ALA A 128 -3.13 6.95 19.72
N PRO A 129 -3.87 5.85 19.76
CA PRO A 129 -3.40 4.63 19.08
C PRO A 129 -3.43 4.84 17.57
N LYS A 130 -2.35 4.45 16.90
CA LYS A 130 -2.24 4.65 15.47
C LYS A 130 -2.88 3.45 14.77
N GLY A 131 -3.98 3.69 14.07
CA GLY A 131 -4.76 2.63 13.49
C GLY A 131 -6.22 2.79 13.82
N PRO A 132 -7.08 2.13 13.04
CA PRO A 132 -8.53 2.27 13.26
C PRO A 132 -8.99 1.55 14.52
N GLY A 133 -10.18 1.93 14.99
CA GLY A 133 -10.77 1.27 16.14
C GLY A 133 -10.92 -0.22 15.95
N HIS A 134 -11.09 -0.68 14.70
CA HIS A 134 -11.19 -2.11 14.42
C HIS A 134 -9.89 -2.84 14.72
N LEU A 135 -8.74 -2.18 14.53
CA LEU A 135 -7.45 -2.82 14.73
C LEU A 135 -6.96 -2.76 16.16
N VAL A 136 -7.22 -1.67 16.89
CA VAL A 136 -6.86 -1.62 18.30
C VAL A 136 -7.64 -2.65 19.12
N ARG A 137 -8.88 -2.95 18.71
CA ARG A 137 -9.61 -4.05 19.32
C ARG A 137 -9.04 -5.41 18.93
N ARG A 138 -8.80 -5.62 17.63
CA ARG A 138 -8.33 -6.92 17.16
C ARG A 138 -6.91 -7.22 17.65
N THR A 139 -6.00 -6.25 17.58
CA THR A 139 -4.65 -6.45 18.10
C THR A 139 -4.61 -6.56 19.61
N PHE A 140 -5.66 -6.12 20.30
CA PHE A 140 -5.74 -6.34 21.75
C PHE A 140 -6.00 -7.80 22.05
N VAL A 141 -7.01 -8.39 21.41
CA VAL A 141 -7.37 -9.78 21.70
C VAL A 141 -6.32 -10.73 21.14
N GLU A 142 -5.76 -10.42 19.96
CA GLU A 142 -4.68 -11.25 19.44
C GLU A 142 -3.34 -10.97 20.12
N GLY A 143 -3.06 -9.72 20.46
CA GLY A 143 -1.77 -9.37 21.00
C GLY A 143 -0.77 -8.82 20.00
N SER A 144 -1.21 -8.51 18.78
CA SER A 144 -0.30 -8.07 17.73
C SER A 144 0.17 -6.65 18.01
N ALA A 145 0.93 -6.08 17.07
CA ALA A 145 1.63 -4.84 17.34
C ALA A 145 0.80 -3.65 16.89
N VAL A 146 0.80 -2.62 17.73
CA VAL A 146 0.18 -1.33 17.44
C VAL A 146 0.93 -0.28 18.26
N PRO A 147 2.05 0.22 17.74
CA PRO A 147 2.78 1.27 18.47
C PRO A 147 1.92 2.52 18.55
N SER A 148 1.84 3.09 19.74
CA SER A 148 0.95 4.22 19.99
C SER A 148 1.74 5.33 20.68
N LEU A 149 1.10 6.49 20.80
CA LEU A 149 1.73 7.66 21.38
C LEU A 149 0.74 8.43 22.23
N PHE A 150 1.28 9.24 23.15
CA PHE A 150 0.50 9.96 24.15
C PHE A 150 1.12 11.32 24.41
N GLY A 151 0.32 12.24 24.94
CA GLY A 151 0.80 13.56 25.26
C GLY A 151 -0.12 14.26 26.25
N ILE A 152 0.47 15.15 27.05
CA ILE A 152 -0.24 15.88 28.10
C ILE A 152 -0.13 17.37 27.83
N GLN A 153 -1.28 18.06 27.86
CA GLN A 153 -1.35 19.50 27.64
C GLN A 153 -1.53 20.29 28.92
N GLN A 154 -2.37 19.83 29.83
CA GLN A 154 -2.59 20.48 31.12
C GLN A 154 -2.52 19.45 32.23
N ASP A 155 -1.84 19.81 33.32
CA ASP A 155 -1.80 19.00 34.52
C ASP A 155 -2.28 19.82 35.71
N ALA A 156 -3.24 19.26 36.44
CA ALA A 156 -3.77 19.87 37.65
C ALA A 156 -3.70 18.95 38.86
N SER A 157 -3.81 17.64 38.66
CA SER A 157 -3.72 16.68 39.74
C SER A 157 -2.28 16.28 40.06
N GLY A 158 -1.35 16.54 39.16
CA GLY A 158 0.04 16.23 39.37
C GLY A 158 0.46 14.84 38.94
N GLN A 159 -0.49 13.92 38.80
CA GLN A 159 -0.22 12.55 38.38
C GLN A 159 -0.89 12.28 37.03
N ALA A 160 -1.04 13.34 36.22
CA ALA A 160 -1.67 13.20 34.92
C ALA A 160 -0.91 12.23 34.02
N ARG A 161 0.42 12.20 34.14
CA ARG A 161 1.22 11.30 33.33
C ARG A 161 0.87 9.84 33.61
N ASN A 162 0.88 9.44 34.88
CA ASN A 162 0.53 8.07 35.24
C ASN A 162 -0.92 7.74 34.86
N ILE A 163 -1.81 8.74 34.95
CA ILE A 163 -3.18 8.54 34.51
C ILE A 163 -3.23 8.27 33.01
N ALA A 164 -2.52 9.09 32.23
CA ALA A 164 -2.48 8.91 30.79
C ALA A 164 -1.81 7.59 30.43
N LEU A 165 -0.74 7.23 31.14
CA LEU A 165 -0.01 6.00 30.84
C LEU A 165 -0.83 4.77 31.21
N SER A 166 -1.58 4.83 32.30
CA SER A 166 -2.43 3.71 32.68
C SER A 166 -3.54 3.49 31.67
N TYR A 167 -4.06 4.56 31.07
CA TYR A 167 -5.11 4.41 30.07
C TYR A 167 -4.57 3.70 28.83
N ALA A 168 -3.38 4.08 28.36
CA ALA A 168 -2.77 3.40 27.23
C ALA A 168 -2.51 1.94 27.55
N LYS A 169 -2.09 1.64 28.78
CA LYS A 169 -1.92 0.25 29.19
C LYS A 169 -3.25 -0.47 29.28
N GLY A 170 -4.31 0.24 29.70
CA GLY A 170 -5.60 -0.38 29.86
C GLY A 170 -6.23 -0.82 28.55
N ILE A 171 -5.93 -0.13 27.45
CA ILE A 171 -6.46 -0.48 26.13
C ILE A 171 -5.47 -1.33 25.34
N GLY A 172 -4.32 -1.66 25.91
CA GLY A 172 -3.39 -2.59 25.29
C GLY A 172 -2.31 -1.96 24.43
N ALA A 173 -2.27 -0.64 24.35
CA ALA A 173 -1.30 0.01 23.46
C ALA A 173 0.14 -0.22 23.92
N THR A 174 0.35 -0.42 25.21
CA THR A 174 1.71 -0.55 25.74
C THR A 174 2.36 -1.89 25.40
N ARG A 175 1.61 -2.85 24.87
CA ARG A 175 2.20 -4.14 24.51
C ARG A 175 3.26 -3.97 23.42
N ALA A 176 3.03 -3.05 22.48
CA ALA A 176 4.02 -2.77 21.45
C ALA A 176 4.89 -1.56 21.77
N GLY A 177 4.42 -0.66 22.63
CA GLY A 177 5.22 0.50 23.00
C GLY A 177 4.48 1.81 22.82
N VAL A 178 4.62 2.73 23.78
CA VAL A 178 4.00 4.04 23.71
C VAL A 178 5.07 5.12 23.84
N ILE A 179 4.94 6.18 23.05
CA ILE A 179 5.94 7.24 22.93
C ILE A 179 5.29 8.56 23.31
N GLU A 180 6.06 9.42 23.99
CA GLU A 180 5.55 10.73 24.38
C GLU A 180 5.59 11.71 23.21
N THR A 181 4.58 12.58 23.15
CA THR A 181 4.53 13.65 22.16
C THR A 181 3.77 14.83 22.77
N THR A 182 3.55 15.86 21.96
CA THR A 182 2.74 17.00 22.37
C THR A 182 1.45 17.04 21.55
N PHE A 183 0.48 17.83 22.04
CA PHE A 183 -0.76 18.01 21.29
C PHE A 183 -0.51 18.70 19.96
N LYS A 184 0.44 19.63 19.94
CA LYS A 184 0.77 20.31 18.70
C LYS A 184 1.41 19.36 17.70
N GLU A 185 2.36 18.54 18.15
CA GLU A 185 3.08 17.65 17.25
C GLU A 185 2.17 16.58 16.67
N GLU A 186 1.38 15.93 17.53
CA GLU A 186 0.47 14.88 17.06
C GLU A 186 -0.46 15.43 15.99
N THR A 187 -1.06 16.59 16.24
CA THR A 187 -1.99 17.18 15.29
C THR A 187 -1.29 17.49 13.98
N GLU A 188 -0.25 18.31 14.03
CA GLU A 188 0.36 18.83 12.81
C GLU A 188 1.01 17.72 11.98
N THR A 189 1.55 16.70 12.62
CA THR A 189 2.12 15.60 11.84
C THR A 189 1.04 14.71 11.21
N ASP A 190 -0.07 14.51 11.91
CA ASP A 190 -1.11 13.64 11.37
C ASP A 190 -1.78 14.29 10.16
N LEU A 191 -2.18 15.56 10.29
CA LEU A 191 -2.78 16.27 9.17
C LEU A 191 -1.80 16.44 8.02
N PHE A 192 -0.51 16.60 8.30
CA PHE A 192 0.46 16.72 7.21
C PHE A 192 0.58 15.41 6.44
N GLY A 193 0.74 14.30 7.17
CA GLY A 193 0.81 13.00 6.51
C GLY A 193 -0.46 12.71 5.72
N GLU A 194 -1.60 13.15 6.24
CA GLU A 194 -2.86 12.96 5.53
C GLU A 194 -2.89 13.75 4.24
N GLN A 195 -2.41 15.00 4.27
CA GLN A 195 -2.59 15.90 3.14
C GLN A 195 -1.52 15.70 2.07
N ALA A 196 -0.25 15.61 2.50
CA ALA A 196 0.85 15.64 1.55
C ALA A 196 1.27 14.27 1.06
N VAL A 197 1.03 13.21 1.83
CA VAL A 197 1.56 11.90 1.50
C VAL A 197 0.47 10.85 1.38
N LEU A 198 -0.16 10.51 2.51
CA LEU A 198 -0.98 9.30 2.56
C LEU A 198 -2.22 9.41 1.69
N CYS A 199 -2.94 10.53 1.77
CA CYS A 199 -4.21 10.67 1.09
C CYS A 199 -4.13 11.63 -0.08
N GLY A 200 -3.85 12.92 0.19
CA GLY A 200 -3.75 13.88 -0.90
C GLY A 200 -2.66 13.52 -1.89
N GLY A 201 -1.47 13.20 -1.37
CA GLY A 201 -0.32 12.93 -2.20
C GLY A 201 -0.45 11.70 -3.08
N VAL A 202 -0.72 10.55 -2.45
CA VAL A 202 -0.73 9.31 -3.20
C VAL A 202 -1.92 9.26 -4.16
N SER A 203 -3.09 9.73 -3.72
CA SER A 203 -4.27 9.67 -4.57
C SER A 203 -4.09 10.48 -5.84
N LYS A 204 -3.58 11.71 -5.72
CA LYS A 204 -3.32 12.51 -6.90
C LYS A 204 -2.15 11.95 -7.70
N LEU A 205 -1.16 11.35 -7.02
CA LEU A 205 -0.11 10.64 -7.73
C LEU A 205 -0.70 9.54 -8.60
N ILE A 206 -1.57 8.72 -8.01
CA ILE A 206 -2.17 7.62 -8.76
C ILE A 206 -3.08 8.17 -9.86
N GLN A 207 -3.85 9.21 -9.54
CA GLN A 207 -4.73 9.82 -10.53
C GLN A 207 -3.93 10.36 -11.70
N SER A 208 -2.88 11.13 -11.44
CA SER A 208 -2.09 11.69 -12.53
C SER A 208 -1.38 10.59 -13.30
N GLY A 209 -0.93 9.54 -12.62
CA GLY A 209 -0.34 8.41 -13.32
C GLY A 209 -1.36 7.66 -14.16
N PHE A 210 -2.56 7.46 -13.63
CA PHE A 210 -3.62 6.82 -14.40
C PHE A 210 -4.03 7.67 -15.60
N GLU A 211 -4.19 8.98 -15.39
CA GLU A 211 -4.57 9.87 -16.48
C GLU A 211 -3.54 9.86 -17.60
N THR A 212 -2.24 9.87 -17.25
CA THR A 212 -1.20 9.91 -18.27
C THR A 212 -1.24 8.68 -19.16
N LEU A 213 -1.45 7.50 -18.58
CA LEU A 213 -1.49 6.27 -19.37
C LEU A 213 -2.70 6.23 -20.27
N VAL A 214 -3.89 6.50 -19.72
CA VAL A 214 -5.11 6.38 -20.51
C VAL A 214 -5.12 7.39 -21.65
N GLU A 215 -4.58 8.59 -21.40
CA GLU A 215 -4.44 9.58 -22.48
C GLU A 215 -3.45 9.11 -23.54
N ALA A 216 -2.52 8.25 -23.17
CA ALA A 216 -1.53 7.73 -24.10
C ALA A 216 -2.06 6.57 -24.94
N GLY A 217 -3.33 6.21 -24.81
CA GLY A 217 -3.93 5.20 -25.66
C GLY A 217 -3.82 3.78 -25.16
N TYR A 218 -3.37 3.57 -23.93
CA TYR A 218 -3.30 2.23 -23.39
C TYR A 218 -4.67 1.82 -22.87
N GLN A 219 -4.86 0.50 -22.69
CA GLN A 219 -6.13 0.01 -22.19
C GLN A 219 -6.35 0.53 -20.77
N PRO A 220 -7.50 1.15 -20.49
CA PRO A 220 -7.72 1.68 -19.13
C PRO A 220 -7.70 0.62 -18.05
N GLU A 221 -8.18 -0.59 -18.36
CA GLU A 221 -8.18 -1.65 -17.36
C GLU A 221 -6.77 -2.06 -16.98
N LEU A 222 -5.87 -2.15 -17.97
CA LEU A 222 -4.47 -2.44 -17.67
C LEU A 222 -3.85 -1.36 -16.80
N ALA A 223 -4.11 -0.09 -17.11
CA ALA A 223 -3.54 1.02 -16.35
C ALA A 223 -3.99 0.98 -14.89
N TYR A 224 -5.20 0.48 -14.62
CA TYR A 224 -5.68 0.38 -13.24
C TYR A 224 -4.81 -0.54 -12.41
N PHE A 225 -4.36 -1.65 -12.98
CA PHE A 225 -3.56 -2.59 -12.21
C PHE A 225 -2.19 -2.02 -11.86
N GLU A 226 -1.54 -1.35 -12.81
CA GLU A 226 -0.16 -0.94 -12.62
C GLU A 226 0.00 0.29 -11.73
N VAL A 227 -0.98 1.16 -11.64
CA VAL A 227 -0.81 2.37 -10.84
C VAL A 227 -1.72 2.40 -9.62
N LEU A 228 -2.51 1.34 -9.39
CA LEU A 228 -3.39 1.32 -8.23
C LEU A 228 -3.44 -0.07 -7.61
N HIS A 229 -3.86 -1.07 -8.38
CA HIS A 229 -4.05 -2.41 -7.84
C HIS A 229 -2.73 -2.98 -7.34
N GLU A 230 -1.66 -2.81 -8.11
CA GLU A 230 -0.34 -3.32 -7.71
C GLU A 230 0.24 -2.59 -6.51
N MET A 231 -0.36 -1.48 -6.08
CA MET A 231 0.19 -0.71 -4.98
C MET A 231 0.19 -1.50 -3.68
N LYS A 232 -0.83 -2.33 -3.45
CA LYS A 232 -0.93 -3.07 -2.20
C LYS A 232 0.24 -4.02 -2.03
N LEU A 233 0.69 -4.63 -3.14
CA LEU A 233 1.81 -5.56 -3.07
C LEU A 233 3.09 -4.85 -2.65
N ILE A 234 3.37 -3.69 -3.23
CA ILE A 234 4.60 -2.96 -2.91
C ILE A 234 4.56 -2.47 -1.48
N VAL A 235 3.41 -1.94 -1.03
CA VAL A 235 3.31 -1.37 0.31
C VAL A 235 3.46 -2.45 1.37
N ASP A 236 2.98 -3.66 1.08
CA ASP A 236 3.16 -4.76 2.02
C ASP A 236 4.64 -5.03 2.29
N LEU A 237 5.47 -5.00 1.23
CA LEU A 237 6.91 -5.18 1.41
C LEU A 237 7.50 -4.06 2.24
N MET A 238 7.08 -2.83 1.98
CA MET A 238 7.61 -1.68 2.72
C MET A 238 7.14 -1.68 4.17
N TYR A 239 5.93 -2.16 4.43
CA TYR A 239 5.46 -2.28 5.79
C TYR A 239 6.29 -3.28 6.58
N GLU A 240 6.62 -4.41 5.96
CA GLU A 240 7.30 -5.50 6.67
C GLU A 240 8.77 -5.22 6.89
N GLY A 241 9.43 -4.57 5.93
CA GLY A 241 10.88 -4.44 6.01
C GLY A 241 11.43 -3.10 5.58
N GLY A 242 10.55 -2.11 5.37
CA GLY A 242 10.98 -0.78 4.97
C GLY A 242 11.33 -0.69 3.49
N MET A 243 11.75 0.51 3.08
CA MET A 243 12.12 0.71 1.68
C MET A 243 13.26 -0.20 1.26
N GLU A 244 14.15 -0.57 2.19
CA GLU A 244 15.24 -1.46 1.83
C GLU A 244 14.73 -2.80 1.33
N ASN A 245 13.55 -3.21 1.83
CA ASN A 245 12.96 -4.47 1.41
C ASN A 245 12.31 -4.36 0.04
N VAL A 246 11.73 -3.20 -0.28
CA VAL A 246 11.10 -3.01 -1.58
C VAL A 246 12.15 -3.05 -2.68
N ARG A 247 13.23 -2.28 -2.53
CA ARG A 247 14.27 -2.26 -3.55
C ARG A 247 14.94 -3.61 -3.70
N TYR A 248 14.99 -4.40 -2.63
CA TYR A 248 15.55 -5.74 -2.72
C TYR A 248 14.63 -6.69 -3.48
N SER A 249 13.34 -6.72 -3.11
CA SER A 249 12.47 -7.76 -3.60
C SER A 249 12.13 -7.59 -5.07
N ILE A 250 11.99 -6.35 -5.54
CA ILE A 250 11.55 -6.11 -6.91
C ILE A 250 12.68 -6.44 -7.88
N SER A 251 12.38 -6.49 -9.16
CA SER A 251 13.38 -6.78 -10.15
C SER A 251 14.36 -5.62 -10.29
N ASN A 252 15.57 -5.94 -10.76
CA ASN A 252 16.57 -4.91 -10.99
C ASN A 252 16.07 -3.87 -11.99
N THR A 253 15.24 -4.29 -12.95
CA THR A 253 14.67 -3.35 -13.90
C THR A 253 13.77 -2.35 -13.19
N ALA A 254 12.92 -2.83 -12.27
CA ALA A 254 12.07 -1.93 -11.50
C ALA A 254 12.88 -1.10 -10.53
N GLU A 255 13.88 -1.71 -9.89
CA GLU A 255 14.72 -0.98 -8.94
C GLU A 255 15.50 0.13 -9.63
N PHE A 256 16.09 -0.17 -10.79
CA PHE A 256 16.82 0.84 -11.54
C PHE A 256 15.91 1.98 -11.97
N GLY A 257 14.71 1.66 -12.46
CA GLY A 257 13.78 2.70 -12.85
C GLY A 257 13.38 3.60 -11.70
N ASP A 258 13.26 3.02 -10.50
CA ASP A 258 13.00 3.80 -9.31
C ASP A 258 14.07 4.87 -9.11
N TYR A 259 15.34 4.46 -9.17
CA TYR A 259 16.44 5.37 -8.84
C TYR A 259 16.57 6.49 -9.86
N VAL A 260 16.37 6.19 -11.14
CA VAL A 260 16.67 7.17 -12.19
C VAL A 260 15.45 8.03 -12.56
N SER A 261 14.24 7.50 -12.43
CA SER A 261 13.04 8.22 -12.86
C SER A 261 12.27 8.81 -11.70
N GLY A 262 12.40 8.24 -10.51
CA GLY A 262 11.76 8.75 -9.32
C GLY A 262 11.98 10.22 -9.06
N PRO A 263 13.25 10.64 -8.96
CA PRO A 263 13.52 12.05 -8.69
C PRO A 263 13.15 12.99 -9.83
N ARG A 264 12.90 12.47 -11.05
CA ARG A 264 12.38 13.33 -12.12
C ARG A 264 10.90 13.62 -11.96
N VAL A 265 10.17 12.71 -11.32
CA VAL A 265 8.74 12.91 -11.12
C VAL A 265 8.49 13.78 -9.90
N ILE A 266 9.01 13.36 -8.75
CA ILE A 266 8.90 14.13 -7.52
C ILE A 266 10.18 14.96 -7.45
N THR A 267 10.12 16.17 -8.01
CA THR A 267 11.26 17.07 -8.12
C THR A 267 11.41 17.86 -6.82
N PRO A 268 12.50 18.63 -6.69
CA PRO A 268 12.59 19.57 -5.56
C PRO A 268 11.40 20.52 -5.48
N ASP A 269 10.75 20.81 -6.60
CA ASP A 269 9.54 21.63 -6.59
C ASP A 269 8.46 21.02 -5.70
N VAL A 270 8.30 19.69 -5.76
CA VAL A 270 7.25 19.03 -5.01
C VAL A 270 7.48 19.16 -3.51
N LYS A 271 8.75 19.06 -3.09
CA LYS A 271 9.06 19.24 -1.67
C LYS A 271 8.76 20.66 -1.22
N GLU A 272 8.96 21.64 -2.11
CA GLU A 272 8.59 23.01 -1.78
C GLU A 272 7.09 23.15 -1.56
N ASN A 273 6.28 22.47 -2.39
CA ASN A 273 4.84 22.48 -2.19
C ASN A 273 4.46 21.91 -0.82
N MET A 274 5.20 20.90 -0.37
CA MET A 274 4.92 20.29 0.91
C MET A 274 5.16 21.23 2.08
N LYS A 275 6.17 22.11 1.96
CA LYS A 275 6.40 23.10 3.00
C LYS A 275 5.25 24.07 3.11
N ALA A 276 4.67 24.46 1.97
CA ALA A 276 3.52 25.35 1.99
C ALA A 276 2.34 24.71 2.70
N VAL A 277 2.09 23.42 2.42
CA VAL A 277 0.99 22.72 3.06
C VAL A 277 1.24 22.58 4.56
N LEU A 278 2.50 22.35 4.95
CA LEU A 278 2.83 22.25 6.36
C LEU A 278 2.68 23.60 7.07
N THR A 279 3.11 24.69 6.40
CA THR A 279 2.97 26.02 7.00
C THR A 279 1.51 26.37 7.24
N ASP A 280 0.65 26.10 6.27
CA ASP A 280 -0.77 26.39 6.42
C ASP A 280 -1.42 25.53 7.50
N ILE A 281 -0.84 24.38 7.81
CA ILE A 281 -1.30 23.61 8.97
C ILE A 281 -0.83 24.25 10.26
N GLN A 282 0.43 24.71 10.28
CA GLN A 282 1.02 25.27 11.50
C GLN A 282 0.35 26.58 11.88
N ASN A 283 0.06 27.44 10.90
CA ASN A 283 -0.45 28.77 11.18
C ASN A 283 -1.97 28.81 11.33
N GLY A 284 -2.65 27.66 11.23
CA GLY A 284 -4.08 27.60 11.43
C GLY A 284 -4.92 27.93 10.22
N ASN A 285 -4.32 28.19 9.06
CA ASN A 285 -5.09 28.50 7.87
C ASN A 285 -5.96 27.31 7.46
N PHE A 286 -5.44 26.09 7.57
CA PHE A 286 -6.23 24.91 7.25
C PHE A 286 -7.37 24.73 8.23
N SER A 287 -7.06 24.79 9.54
CA SER A 287 -8.08 24.52 10.56
C SER A 287 -9.24 25.50 10.48
N ASN A 288 -8.95 26.79 10.27
CA ASN A 288 -10.04 27.76 10.15
C ASN A 288 -10.86 27.51 8.88
N ARG A 289 -10.20 27.13 7.79
CA ARG A 289 -10.91 26.82 6.55
C ARG A 289 -11.86 25.65 6.74
N PHE A 290 -11.43 24.61 7.47
CA PHE A 290 -12.28 23.45 7.70
C PHE A 290 -13.43 23.80 8.63
N ILE A 291 -13.16 24.54 9.71
CA ILE A 291 -14.19 24.86 10.69
C ILE A 291 -15.23 25.79 10.08
N GLU A 292 -14.79 26.80 9.33
CA GLU A 292 -15.72 27.75 8.74
C GLU A 292 -16.59 27.11 7.66
N ASP A 293 -16.02 26.17 6.91
CA ASP A 293 -16.84 25.42 5.97
C ASP A 293 -17.83 24.50 6.68
N ASN A 294 -17.42 23.94 7.83
CA ASN A 294 -18.32 23.11 8.63
C ASN A 294 -19.51 23.92 9.13
N LYS A 295 -19.26 25.16 9.58
CA LYS A 295 -20.36 26.00 10.05
C LYS A 295 -21.26 26.41 8.89
N ASN A 296 -20.74 26.49 7.67
CA ASN A 296 -21.53 26.78 6.49
C ASN A 296 -22.01 25.51 5.79
N GLY A 297 -22.08 24.38 6.51
CA GLY A 297 -22.74 23.20 6.00
C GLY A 297 -21.97 22.36 5.01
N PHE A 298 -20.62 22.40 5.04
CA PHE A 298 -19.80 21.61 4.13
C PHE A 298 -20.14 21.89 2.66
N LYS A 299 -20.37 23.16 2.34
CA LYS A 299 -20.70 23.52 0.96
C LYS A 299 -19.54 23.20 0.04
N GLU A 300 -18.32 23.57 0.43
CA GLU A 300 -17.14 23.23 -0.36
C GLU A 300 -16.75 21.77 -0.18
N PHE A 301 -16.84 21.27 1.06
CA PHE A 301 -16.44 19.89 1.33
C PHE A 301 -17.27 18.91 0.50
N TYR A 302 -18.59 19.06 0.51
CA TYR A 302 -19.44 18.12 -0.23
C TYR A 302 -19.32 18.34 -1.74
N LYS A 303 -19.02 19.56 -2.17
CA LYS A 303 -18.81 19.80 -3.60
C LYS A 303 -17.63 18.99 -4.11
N LEU A 304 -16.53 18.99 -3.36
CA LEU A 304 -15.34 18.26 -3.79
C LEU A 304 -15.55 16.74 -3.68
N ARG A 305 -16.29 16.30 -2.66
CA ARG A 305 -16.54 14.86 -2.51
C ARG A 305 -17.29 14.30 -3.71
N GLU A 306 -18.39 14.95 -4.09
CA GLU A 306 -19.15 14.52 -5.26
C GLU A 306 -18.37 14.75 -6.54
N GLU A 307 -17.52 15.79 -6.55
CA GLU A 307 -16.71 16.09 -7.73
C GLU A 307 -15.70 14.97 -8.01
N GLN A 308 -15.07 14.46 -6.96
CA GLN A 308 -14.08 13.39 -7.11
C GLN A 308 -14.71 12.04 -7.44
N HIS A 309 -16.01 11.87 -7.20
CA HIS A 309 -16.66 10.60 -7.49
C HIS A 309 -16.84 10.34 -8.99
N GLY A 310 -16.62 11.34 -9.84
CA GLY A 310 -16.81 11.19 -11.26
C GLY A 310 -15.53 11.05 -12.05
N HIS A 311 -14.39 10.92 -11.39
CA HIS A 311 -13.14 10.58 -12.06
C HIS A 311 -13.26 9.23 -12.76
N GLN A 312 -12.59 9.12 -13.90
CA GLN A 312 -12.65 7.88 -14.69
C GLN A 312 -12.12 6.70 -13.89
N ILE A 313 -11.10 6.92 -13.06
CA ILE A 313 -10.47 5.82 -12.33
C ILE A 313 -11.46 5.12 -11.40
N GLU A 314 -12.46 5.85 -10.90
CA GLU A 314 -13.36 5.24 -9.92
C GLU A 314 -14.41 4.35 -10.58
N LYS A 315 -15.01 4.81 -11.69
CA LYS A 315 -15.87 3.93 -12.47
C LYS A 315 -15.13 2.70 -12.96
N VAL A 316 -13.90 2.87 -13.43
CA VAL A 316 -13.14 1.74 -13.97
C VAL A 316 -12.86 0.73 -12.86
N GLY A 317 -12.35 1.19 -11.72
CA GLY A 317 -12.04 0.27 -10.63
C GLY A 317 -13.26 -0.49 -10.16
N ARG A 318 -14.43 0.12 -10.24
CA ARG A 318 -15.66 -0.56 -9.84
C ARG A 318 -16.03 -1.69 -10.79
N GLU A 319 -15.87 -1.49 -12.11
CA GLU A 319 -16.23 -2.57 -13.02
C GLU A 319 -15.26 -3.75 -12.90
N LEU A 320 -13.97 -3.47 -12.65
CA LEU A 320 -12.99 -4.54 -12.45
C LEU A 320 -13.25 -5.35 -11.18
N ARG A 321 -13.74 -4.70 -10.11
CA ARG A 321 -13.97 -5.34 -8.83
CA ARG A 321 -13.99 -5.36 -8.83
CA ARG A 321 -13.99 -5.36 -8.83
C ARG A 321 -15.11 -6.42 -8.90
N GLU A 322 -15.67 -6.70 -10.08
CA GLU A 322 -16.63 -7.78 -10.25
C GLU A 322 -15.94 -9.14 -10.40
N MET A 323 -14.87 -9.19 -11.18
CA MET A 323 -14.29 -10.50 -11.50
C MET A 323 -13.66 -11.10 -10.25
N MET A 324 -12.89 -10.28 -9.54
CA MET A 324 -12.18 -10.62 -8.33
C MET A 324 -13.07 -10.42 -7.10
N PRO A 325 -12.74 -11.09 -5.99
CA PRO A 325 -13.41 -11.06 -4.68
C PRO A 325 -12.82 -10.04 -3.71
N THR B 2 -12.07 -3.93 -24.22
CA THR B 2 -12.10 -4.80 -23.05
C THR B 2 -12.60 -6.20 -23.39
N THR B 3 -11.80 -7.20 -23.01
CA THR B 3 -12.11 -8.60 -23.24
C THR B 3 -11.54 -9.42 -22.10
N VAL B 4 -12.37 -10.26 -21.48
CA VAL B 4 -11.97 -11.12 -20.37
C VAL B 4 -12.35 -12.54 -20.72
N TYR B 5 -11.35 -13.39 -20.87
CA TYR B 5 -11.56 -14.78 -21.26
C TYR B 5 -11.44 -15.62 -20.00
N TYR B 6 -12.52 -16.31 -19.66
CA TYR B 6 -12.56 -17.09 -18.44
C TYR B 6 -12.15 -18.54 -18.63
N ASP B 7 -12.41 -19.30 -17.57
CA ASP B 7 -11.94 -20.67 -17.41
C ASP B 7 -12.68 -21.60 -18.36
N GLN B 8 -13.96 -21.32 -18.66
CA GLN B 8 -14.75 -22.11 -19.60
C GLN B 8 -14.82 -21.47 -20.98
N ASP B 9 -14.12 -20.36 -21.19
CA ASP B 9 -14.44 -19.45 -22.29
C ASP B 9 -13.62 -19.74 -23.54
N VAL B 10 -12.76 -20.77 -23.46
CA VAL B 10 -12.19 -21.46 -24.60
C VAL B 10 -11.96 -22.90 -24.13
N LYS B 11 -12.09 -23.84 -25.06
N LYS B 11 -12.08 -23.84 -25.06
CA LYS B 11 -12.17 -25.25 -24.71
CA LYS B 11 -12.17 -25.25 -24.71
C LYS B 11 -11.04 -26.12 -25.23
N THR B 12 -10.12 -25.61 -26.05
CA THR B 12 -9.10 -26.48 -26.63
C THR B 12 -7.89 -26.61 -25.70
N ASP B 13 -7.48 -27.86 -25.45
CA ASP B 13 -6.22 -28.15 -24.76
C ASP B 13 -5.15 -28.36 -25.82
N ALA B 14 -4.64 -27.25 -26.37
CA ALA B 14 -3.71 -27.33 -27.48
C ALA B 14 -2.35 -27.90 -27.09
N LEU B 15 -2.03 -27.94 -25.79
CA LEU B 15 -0.70 -28.37 -25.36
C LEU B 15 -0.59 -29.87 -25.07
N GLN B 16 -1.71 -30.61 -24.99
CA GLN B 16 -1.62 -32.03 -24.61
C GLN B 16 -0.68 -32.79 -25.53
N GLY B 17 0.24 -33.53 -24.93
CA GLY B 17 1.23 -34.27 -25.68
C GLY B 17 2.47 -33.49 -26.02
N LYS B 18 2.50 -32.19 -25.71
CA LYS B 18 3.61 -31.33 -26.09
C LYS B 18 4.60 -31.26 -24.94
N LYS B 19 5.87 -31.06 -25.28
CA LYS B 19 6.93 -30.97 -24.29
C LYS B 19 7.16 -29.50 -23.89
N ILE B 20 7.13 -29.25 -22.59
CA ILE B 20 7.23 -27.91 -22.02
C ILE B 20 8.68 -27.61 -21.68
N ALA B 21 9.19 -26.49 -22.16
CA ALA B 21 10.51 -26.01 -21.78
C ALA B 21 10.34 -24.82 -20.83
N VAL B 22 10.69 -25.03 -19.57
CA VAL B 22 10.75 -23.96 -18.59
C VAL B 22 12.20 -23.52 -18.48
N VAL B 23 12.48 -22.28 -18.86
CA VAL B 23 13.83 -21.74 -18.85
C VAL B 23 14.03 -21.01 -17.53
N GLY B 24 14.88 -21.55 -16.67
CA GLY B 24 15.08 -20.96 -15.36
C GLY B 24 14.27 -21.66 -14.27
N TYR B 25 14.77 -21.58 -13.05
CA TYR B 25 14.13 -22.19 -11.89
C TYR B 25 14.20 -21.24 -10.69
N GLY B 26 13.53 -20.10 -10.80
CA GLY B 26 13.41 -19.16 -9.71
C GLY B 26 12.12 -19.34 -8.95
N SER B 27 11.77 -18.32 -8.15
CA SER B 27 10.50 -18.35 -7.44
C SER B 27 9.33 -18.47 -8.42
N GLN B 28 9.44 -17.83 -9.59
CA GLN B 28 8.45 -17.99 -10.64
C GLN B 28 8.58 -19.34 -11.34
N GLY B 29 9.82 -19.76 -11.62
CA GLY B 29 10.03 -21.03 -12.31
C GLY B 29 9.49 -22.22 -11.55
N HIS B 30 9.74 -22.26 -10.24
CA HIS B 30 9.20 -23.34 -9.40
C HIS B 30 7.67 -23.34 -9.44
N ALA B 31 7.07 -22.17 -9.56
CA ALA B 31 5.61 -22.09 -9.54
C ALA B 31 5.01 -22.63 -10.84
N HIS B 32 5.55 -22.22 -11.98
CA HIS B 32 5.01 -22.71 -13.26
C HIS B 32 5.20 -24.22 -13.39
N ALA B 33 6.39 -24.71 -13.06
CA ALA B 33 6.69 -26.12 -13.22
C ALA B 33 5.84 -26.98 -12.29
N GLN B 34 5.71 -26.56 -11.03
CA GLN B 34 5.00 -27.39 -10.05
C GLN B 34 3.49 -27.35 -10.27
N ASN B 35 2.95 -26.18 -10.64
CA ASN B 35 1.51 -26.09 -10.90
C ASN B 35 1.11 -26.90 -12.13
N LEU B 36 1.94 -26.91 -13.17
CA LEU B 36 1.62 -27.69 -14.36
C LEU B 36 1.61 -29.18 -14.08
N LYS B 37 2.48 -29.66 -13.17
CA LYS B 37 2.44 -31.07 -12.79
C LYS B 37 1.15 -31.42 -12.08
N ASP B 38 0.72 -30.57 -11.13
CA ASP B 38 -0.56 -30.80 -10.46
C ASP B 38 -1.71 -30.83 -11.46
N ASN B 39 -1.56 -30.16 -12.60
CA ASN B 39 -2.57 -30.16 -13.64
C ASN B 39 -2.24 -31.18 -14.73
N GLY B 40 -1.33 -32.11 -14.44
CA GLY B 40 -1.09 -33.27 -15.28
C GLY B 40 -0.35 -33.04 -16.59
N TYR B 41 0.59 -32.10 -16.64
CA TYR B 41 1.37 -31.89 -17.85
C TYR B 41 2.83 -32.24 -17.58
N ASP B 42 3.57 -32.52 -18.66
CA ASP B 42 4.98 -32.89 -18.56
C ASP B 42 5.88 -31.67 -18.75
N VAL B 43 6.62 -31.32 -17.70
CA VAL B 43 7.50 -30.16 -17.69
C VAL B 43 8.91 -30.61 -17.39
N VAL B 44 9.86 -30.11 -18.17
CA VAL B 44 11.29 -30.30 -17.91
C VAL B 44 11.89 -28.93 -17.68
N ILE B 45 12.97 -28.88 -16.90
CA ILE B 45 13.63 -27.64 -16.53
C ILE B 45 14.98 -27.55 -17.25
N GLY B 46 15.22 -26.42 -17.91
CA GLY B 46 16.53 -26.15 -18.47
C GLY B 46 17.29 -25.12 -17.66
N ILE B 47 18.38 -25.52 -17.02
CA ILE B 47 19.13 -24.63 -16.14
C ILE B 47 20.55 -25.16 -16.03
N ARG B 48 21.51 -24.25 -15.85
CA ARG B 48 22.88 -24.63 -15.60
C ARG B 48 22.99 -25.28 -14.21
N PRO B 49 24.01 -26.11 -14.00
CA PRO B 49 24.18 -26.73 -12.68
C PRO B 49 24.36 -25.70 -11.58
N GLY B 50 23.93 -26.06 -10.39
CA GLY B 50 23.98 -25.16 -9.25
C GLY B 50 22.88 -25.50 -8.26
N ARG B 51 22.65 -24.57 -7.34
CA ARG B 51 21.62 -24.77 -6.32
C ARG B 51 20.22 -24.82 -6.92
N SER B 52 19.97 -24.05 -7.98
N SER B 52 19.97 -24.05 -7.98
CA SER B 52 18.67 -24.11 -8.64
C SER B 52 18.52 -25.40 -9.43
N PHE B 53 19.61 -25.85 -10.07
CA PHE B 53 19.62 -27.16 -10.70
C PHE B 53 19.31 -28.26 -9.70
N ASP B 54 19.92 -28.19 -8.51
CA ASP B 54 19.77 -29.25 -7.52
C ASP B 54 18.37 -29.27 -6.94
N LYS B 55 17.79 -28.10 -6.68
CA LYS B 55 16.45 -28.05 -6.10
C LYS B 55 15.40 -28.58 -7.07
N ALA B 56 15.55 -28.27 -8.35
CA ALA B 56 14.60 -28.77 -9.35
C ALA B 56 14.68 -30.28 -9.49
N LYS B 57 15.90 -30.83 -9.51
CA LYS B 57 16.05 -32.28 -9.52
C LYS B 57 15.50 -32.91 -8.24
N GLU B 58 15.72 -32.25 -7.10
CA GLU B 58 15.21 -32.77 -5.83
C GLU B 58 13.68 -32.78 -5.82
N ASP B 59 13.06 -31.80 -6.48
CA ASP B 59 11.61 -31.74 -6.55
C ASP B 59 11.02 -32.72 -7.55
N GLY B 60 11.84 -33.54 -8.21
CA GLY B 60 11.34 -34.55 -9.11
C GLY B 60 11.22 -34.16 -10.57
N PHE B 61 11.94 -33.12 -11.01
CA PHE B 61 11.85 -32.66 -12.37
C PHE B 61 13.02 -33.17 -13.20
N ASP B 62 12.77 -33.35 -14.49
CA ASP B 62 13.86 -33.60 -15.44
C ASP B 62 14.57 -32.29 -15.73
N VAL B 63 15.87 -32.25 -15.49
CA VAL B 63 16.64 -31.01 -15.57
C VAL B 63 17.74 -31.19 -16.59
N PHE B 64 17.87 -30.23 -17.51
CA PHE B 64 18.83 -30.27 -18.60
C PHE B 64 19.57 -28.95 -18.71
N PRO B 65 20.69 -28.93 -19.44
CA PRO B 65 21.20 -27.65 -19.94
C PRO B 65 20.19 -27.01 -20.87
N VAL B 66 20.21 -25.67 -20.91
CA VAL B 66 19.21 -24.95 -21.69
C VAL B 66 19.27 -25.38 -23.16
N ALA B 67 20.45 -25.81 -23.64
CA ALA B 67 20.54 -26.33 -25.00
C ALA B 67 19.70 -27.59 -25.18
N GLU B 68 19.82 -28.54 -24.24
CA GLU B 68 19.10 -29.80 -24.38
C GLU B 68 17.60 -29.61 -24.24
N ALA B 69 17.17 -28.77 -23.28
CA ALA B 69 15.74 -28.61 -23.03
C ALA B 69 15.01 -27.98 -24.22
N VAL B 70 15.63 -27.03 -24.92
CA VAL B 70 14.93 -26.35 -26.00
C VAL B 70 14.71 -27.29 -27.18
N LYS B 71 15.75 -28.07 -27.54
CA LYS B 71 15.59 -29.06 -28.60
C LYS B 71 14.52 -30.08 -28.26
N GLN B 72 14.51 -30.56 -27.01
CA GLN B 72 13.57 -31.59 -26.61
C GLN B 72 12.13 -31.09 -26.61
N ALA B 73 11.92 -29.85 -26.20
CA ALA B 73 10.57 -29.37 -25.96
C ALA B 73 9.96 -28.74 -27.21
N ASP B 74 8.67 -28.40 -27.11
N ASP B 74 8.71 -28.27 -27.06
CA ASP B 74 8.01 -27.68 -28.18
CA ASP B 74 7.90 -27.77 -28.16
C ASP B 74 7.89 -26.20 -27.88
C ASP B 74 7.46 -26.32 -27.99
N VAL B 75 7.26 -25.85 -26.76
CA VAL B 75 6.98 -24.47 -26.41
C VAL B 75 7.91 -24.07 -25.26
N ILE B 76 8.55 -22.92 -25.40
CA ILE B 76 9.62 -22.51 -24.50
C ILE B 76 9.31 -21.14 -23.90
N MET B 77 9.26 -21.07 -22.58
CA MET B 77 9.05 -19.80 -21.89
C MET B 77 10.19 -19.53 -20.92
N VAL B 78 10.60 -18.28 -20.83
CA VAL B 78 11.80 -17.87 -20.07
C VAL B 78 11.38 -17.35 -18.70
N LEU B 79 11.97 -17.93 -17.66
CA LEU B 79 11.79 -17.46 -16.29
C LEU B 79 13.07 -16.84 -15.74
N LEU B 80 13.97 -16.37 -16.62
CA LEU B 80 15.18 -15.72 -16.15
C LEU B 80 14.95 -14.23 -15.95
N PRO B 81 15.77 -13.58 -15.13
CA PRO B 81 15.67 -12.11 -15.03
C PRO B 81 15.88 -11.45 -16.39
N ASP B 82 15.28 -10.26 -16.55
CA ASP B 82 15.28 -9.60 -17.84
C ASP B 82 16.69 -9.30 -18.33
N GLU B 83 17.62 -9.01 -17.41
CA GLU B 83 18.97 -8.64 -17.79
C GLU B 83 19.83 -9.84 -18.20
N ILE B 84 19.41 -11.06 -17.85
CA ILE B 84 20.15 -12.25 -18.22
C ILE B 84 19.63 -12.89 -19.50
N GLN B 85 18.39 -12.58 -19.90
CA GLN B 85 17.72 -13.30 -20.97
C GLN B 85 18.45 -13.17 -22.31
N GLY B 86 18.99 -12.00 -22.61
CA GLY B 86 19.57 -11.77 -23.92
C GLY B 86 20.75 -12.68 -24.23
N ASP B 87 21.66 -12.84 -23.27
CA ASP B 87 22.84 -13.65 -23.51
C ASP B 87 22.51 -15.14 -23.57
N VAL B 88 21.59 -15.60 -22.73
CA VAL B 88 21.25 -17.02 -22.72
C VAL B 88 20.59 -17.42 -24.04
N TYR B 89 19.87 -16.50 -24.67
CA TYR B 89 19.16 -16.79 -25.92
C TYR B 89 20.13 -17.22 -27.02
N LYS B 90 21.06 -16.33 -27.38
CA LYS B 90 22.04 -16.68 -28.41
C LYS B 90 22.90 -17.87 -28.02
N ASN B 91 23.25 -17.97 -26.73
CA ASN B 91 24.21 -18.98 -26.28
CA ASN B 91 24.22 -18.99 -26.30
C ASN B 91 23.56 -20.36 -26.15
N GLU B 92 22.33 -20.41 -25.65
CA GLU B 92 21.68 -21.67 -25.33
C GLU B 92 20.30 -21.91 -25.96
N ILE B 93 19.81 -21.02 -26.83
CA ILE B 93 18.42 -21.05 -27.30
C ILE B 93 18.34 -21.05 -28.83
N GLU B 94 19.05 -20.13 -29.50
CA GLU B 94 18.87 -20.06 -30.97
C GLU B 94 19.31 -21.31 -31.73
N PRO B 95 20.28 -22.12 -31.28
CA PRO B 95 20.56 -23.37 -32.03
C PRO B 95 19.45 -24.42 -31.98
N ASN B 96 18.57 -24.40 -30.98
CA ASN B 96 17.59 -25.47 -30.77
C ASN B 96 16.16 -25.11 -31.19
N LEU B 97 16.00 -24.00 -31.90
CA LEU B 97 14.69 -23.51 -32.32
C LEU B 97 14.23 -24.32 -33.52
N GLU B 98 13.51 -25.43 -33.28
CA GLU B 98 13.05 -26.12 -34.47
C GLU B 98 11.85 -25.39 -35.05
N LYS B 99 11.52 -25.76 -36.28
CA LYS B 99 10.42 -25.15 -37.00
C LYS B 99 9.14 -25.13 -36.16
N HIS B 100 8.52 -23.96 -36.09
CA HIS B 100 7.23 -23.75 -35.46
C HIS B 100 7.21 -24.05 -33.96
N ASN B 101 8.35 -23.98 -33.28
CA ASN B 101 8.27 -23.85 -31.83
C ASN B 101 7.63 -22.52 -31.47
N ALA B 102 7.18 -22.42 -30.24
CA ALA B 102 6.54 -21.22 -29.73
C ALA B 102 7.38 -20.62 -28.62
N LEU B 103 7.63 -19.31 -28.72
CA LEU B 103 8.28 -18.56 -27.66
C LEU B 103 7.20 -18.06 -26.71
N ALA B 104 7.39 -18.29 -25.43
CA ALA B 104 6.44 -17.88 -24.42
C ALA B 104 7.20 -17.04 -23.41
N PHE B 105 6.52 -16.03 -22.85
CA PHE B 105 7.15 -15.11 -21.91
C PHE B 105 6.23 -14.88 -20.72
N ALA B 106 6.81 -14.30 -19.67
CA ALA B 106 6.05 -13.71 -18.57
C ALA B 106 6.24 -12.21 -18.51
N HIS B 107 7.04 -11.64 -19.42
CA HIS B 107 7.31 -10.21 -19.43
C HIS B 107 7.91 -9.86 -20.79
N GLY B 108 7.39 -8.83 -21.43
CA GLY B 108 7.74 -8.50 -22.80
C GLY B 108 8.96 -7.62 -22.99
N PHE B 109 9.73 -7.35 -21.93
CA PHE B 109 10.83 -6.40 -22.00
C PHE B 109 11.74 -6.64 -23.18
N ASN B 110 12.23 -7.87 -23.34
CA ASN B 110 13.33 -8.12 -24.26
C ASN B 110 12.89 -8.00 -25.72
N ILE B 111 11.67 -8.41 -26.04
CA ILE B 111 11.21 -8.37 -27.43
C ILE B 111 10.85 -6.95 -27.85
N HIS B 112 10.09 -6.25 -27.02
CA HIS B 112 9.59 -4.94 -27.42
C HIS B 112 10.72 -3.95 -27.66
N PHE B 113 11.78 -4.04 -26.87
CA PHE B 113 12.93 -3.16 -27.00
C PHE B 113 13.99 -3.72 -27.94
N GLY B 114 13.73 -4.87 -28.56
CA GLY B 114 14.60 -5.37 -29.62
C GLY B 114 15.83 -6.12 -29.17
N VAL B 115 15.94 -6.47 -27.89
CA VAL B 115 17.12 -7.22 -27.44
C VAL B 115 17.09 -8.63 -28.02
N ILE B 116 15.93 -9.26 -28.04
CA ILE B 116 15.74 -10.59 -28.61
C ILE B 116 14.92 -10.46 -29.88
N GLN B 117 15.43 -11.01 -30.98
CA GLN B 117 14.76 -11.01 -32.28
C GLN B 117 14.58 -12.44 -32.75
N PRO B 118 13.43 -13.06 -32.48
CA PRO B 118 13.26 -14.47 -32.79
C PRO B 118 13.17 -14.69 -34.29
N PRO B 119 13.44 -15.90 -34.77
CA PRO B 119 13.28 -16.18 -36.19
C PRO B 119 11.83 -16.14 -36.61
N ALA B 120 11.62 -15.93 -37.91
CA ALA B 120 10.27 -15.86 -38.44
C ALA B 120 9.54 -17.20 -38.33
N ASP B 121 10.28 -18.28 -38.10
CA ASP B 121 9.73 -19.63 -38.12
C ASP B 121 9.39 -20.13 -36.72
N VAL B 122 9.27 -19.23 -35.74
CA VAL B 122 8.82 -19.57 -34.41
C VAL B 122 7.73 -18.60 -33.98
N ASP B 123 6.74 -19.11 -33.26
CA ASP B 123 5.72 -18.27 -32.65
C ASP B 123 6.25 -17.65 -31.36
N VAL B 124 5.75 -16.45 -31.05
CA VAL B 124 6.11 -15.76 -29.81
C VAL B 124 4.83 -15.25 -29.15
N PHE B 125 4.60 -15.65 -27.90
CA PHE B 125 3.44 -15.19 -27.15
C PHE B 125 3.85 -14.90 -25.71
N LEU B 126 2.91 -14.32 -24.96
CA LEU B 126 3.14 -13.90 -23.58
C LEU B 126 2.01 -14.37 -22.69
N VAL B 127 2.37 -14.75 -21.46
CA VAL B 127 1.42 -15.04 -20.37
C VAL B 127 2.01 -14.46 -19.09
N ALA B 128 1.43 -13.36 -18.60
CA ALA B 128 2.00 -12.63 -17.46
C ALA B 128 1.12 -12.70 -16.22
N PRO B 129 1.40 -13.59 -15.28
CA PRO B 129 0.68 -13.56 -13.99
C PRO B 129 1.07 -12.35 -13.16
N LYS B 130 0.06 -11.70 -12.58
CA LYS B 130 0.27 -10.52 -11.75
C LYS B 130 0.60 -10.96 -10.32
N GLY B 131 1.83 -10.70 -9.89
CA GLY B 131 2.28 -11.08 -8.58
C GLY B 131 3.58 -11.87 -8.64
N PRO B 132 4.30 -11.90 -7.52
CA PRO B 132 5.55 -12.68 -7.50
C PRO B 132 5.28 -14.16 -7.45
N GLY B 133 6.33 -14.94 -7.74
CA GLY B 133 6.23 -16.39 -7.71
C GLY B 133 5.68 -16.95 -6.41
N HIS B 134 5.84 -16.21 -5.31
CA HIS B 134 5.34 -16.71 -4.03
C HIS B 134 3.83 -16.87 -4.03
N LEU B 135 3.11 -16.00 -4.74
CA LEU B 135 1.65 -16.13 -4.79
C LEU B 135 1.17 -17.07 -5.89
N VAL B 136 1.87 -17.16 -7.01
CA VAL B 136 1.46 -18.14 -8.02
C VAL B 136 1.52 -19.54 -7.44
N ARG B 137 2.47 -19.79 -6.52
CA ARG B 137 2.42 -21.03 -5.75
C ARG B 137 1.32 -20.98 -4.70
N ARG B 138 1.15 -19.82 -4.05
CA ARG B 138 0.20 -19.70 -2.94
C ARG B 138 -1.25 -19.72 -3.43
N THR B 139 -1.57 -18.92 -4.45
CA THR B 139 -2.96 -18.75 -4.88
C THR B 139 -3.60 -20.08 -5.26
N PHE B 140 -2.96 -20.81 -6.17
N PHE B 140 -2.95 -20.87 -6.10
CA PHE B 140 -3.46 -22.12 -6.63
CA PHE B 140 -3.63 -22.07 -6.57
C PHE B 140 -3.73 -23.05 -5.46
C PHE B 140 -3.72 -23.15 -5.49
N VAL B 141 -2.69 -23.29 -4.65
CA VAL B 141 -2.82 -24.20 -3.50
C VAL B 141 -3.89 -23.67 -2.54
N GLU B 142 -3.98 -22.34 -2.41
CA GLU B 142 -5.07 -21.76 -1.62
C GLU B 142 -6.39 -21.83 -2.37
N GLY B 143 -6.34 -21.70 -3.70
CA GLY B 143 -7.54 -21.65 -4.51
C GLY B 143 -8.00 -20.26 -4.86
N SER B 144 -7.21 -19.23 -4.56
CA SER B 144 -7.60 -17.85 -4.74
C SER B 144 -7.49 -17.41 -6.21
N ALA B 145 -7.92 -16.18 -6.46
CA ALA B 145 -8.04 -15.61 -7.80
C ALA B 145 -7.01 -14.50 -8.02
N VAL B 146 -6.49 -14.40 -9.24
CA VAL B 146 -5.58 -13.32 -9.61
C VAL B 146 -5.62 -13.03 -11.11
N PRO B 147 -6.33 -11.98 -11.55
CA PRO B 147 -6.41 -11.69 -13.00
C PRO B 147 -5.05 -11.41 -13.62
N SER B 148 -4.81 -12.02 -14.78
CA SER B 148 -3.55 -11.94 -15.51
C SER B 148 -3.83 -11.55 -16.96
N LEU B 149 -2.76 -11.34 -17.74
CA LEU B 149 -2.91 -10.88 -19.11
C LEU B 149 -1.97 -11.65 -20.04
N PHE B 150 -2.29 -11.63 -21.33
CA PHE B 150 -1.55 -12.37 -22.34
C PHE B 150 -1.51 -11.56 -23.63
N GLY B 151 -0.52 -11.86 -24.47
CA GLY B 151 -0.37 -11.17 -25.74
C GLY B 151 0.53 -11.93 -26.68
N ILE B 152 0.27 -11.79 -27.97
CA ILE B 152 1.01 -12.50 -29.02
C ILE B 152 1.63 -11.45 -29.96
N GLN B 153 2.92 -11.61 -30.25
CA GLN B 153 3.65 -10.71 -31.14
C GLN B 153 3.86 -11.27 -32.54
N GLN B 154 4.12 -12.57 -32.67
CA GLN B 154 4.30 -13.20 -33.98
C GLN B 154 3.44 -14.45 -34.08
N ASP B 155 2.82 -14.63 -35.24
CA ASP B 155 2.10 -15.86 -35.58
C ASP B 155 2.71 -16.42 -36.85
N ALA B 156 3.18 -17.66 -36.80
CA ALA B 156 3.71 -18.32 -37.99
C ALA B 156 3.06 -19.67 -38.21
N SER B 157 2.71 -20.36 -37.12
CA SER B 157 2.06 -21.66 -37.19
C SER B 157 0.55 -21.58 -37.31
N GLY B 158 -0.05 -20.43 -36.97
CA GLY B 158 -1.48 -20.25 -37.09
C GLY B 158 -2.30 -20.62 -35.86
N GLN B 159 -1.76 -21.41 -34.94
CA GLN B 159 -2.47 -21.82 -33.75
C GLN B 159 -1.81 -21.24 -32.50
N ALA B 160 -1.14 -20.10 -32.64
CA ALA B 160 -0.44 -19.49 -31.51
C ALA B 160 -1.40 -19.08 -30.40
N ARG B 161 -2.58 -18.57 -30.77
CA ARG B 161 -3.52 -18.09 -29.75
C ARG B 161 -3.99 -19.23 -28.85
N ASN B 162 -4.43 -20.35 -29.44
CA ASN B 162 -4.88 -21.48 -28.65
C ASN B 162 -3.78 -22.01 -27.74
N ILE B 163 -2.53 -21.95 -28.20
CA ILE B 163 -1.41 -22.34 -27.35
C ILE B 163 -1.33 -21.43 -26.13
N ALA B 164 -1.43 -20.12 -26.36
CA ALA B 164 -1.34 -19.16 -25.25
C ALA B 164 -2.51 -19.32 -24.28
N LEU B 165 -3.73 -19.50 -24.81
CA LEU B 165 -4.89 -19.59 -23.94
C LEU B 165 -4.90 -20.91 -23.16
N SER B 166 -4.51 -22.01 -23.82
CA SER B 166 -4.42 -23.28 -23.10
C SER B 166 -3.30 -23.23 -22.06
N TYR B 167 -2.22 -22.50 -22.37
CA TYR B 167 -1.13 -22.35 -21.42
C TYR B 167 -1.58 -21.58 -20.18
N ALA B 168 -2.34 -20.49 -20.37
CA ALA B 168 -2.87 -19.75 -19.24
C ALA B 168 -3.80 -20.62 -18.40
N LYS B 169 -4.59 -21.47 -19.05
CA LYS B 169 -5.44 -22.40 -18.30
C LYS B 169 -4.62 -23.44 -17.56
N GLY B 170 -3.50 -23.88 -18.14
CA GLY B 170 -2.69 -24.90 -17.49
C GLY B 170 -2.02 -24.40 -16.22
N ILE B 171 -1.69 -23.11 -16.16
CA ILE B 171 -1.10 -22.53 -14.97
C ILE B 171 -2.14 -21.86 -14.09
N GLY B 172 -3.41 -21.86 -14.49
CA GLY B 172 -4.48 -21.39 -13.65
C GLY B 172 -4.85 -19.93 -13.80
N ALA B 173 -4.26 -19.22 -14.75
CA ALA B 173 -4.50 -17.78 -14.85
C ALA B 173 -5.95 -17.45 -15.18
N THR B 174 -6.65 -18.36 -15.86
CA THR B 174 -8.02 -18.10 -16.31
C THR B 174 -9.06 -18.17 -15.19
N ARG B 175 -8.68 -18.60 -13.98
CA ARG B 175 -9.65 -18.70 -12.90
C ARG B 175 -10.27 -17.35 -12.56
N ALA B 176 -9.46 -16.29 -12.58
CA ALA B 176 -9.94 -14.94 -12.34
C ALA B 176 -10.20 -14.16 -13.62
N GLY B 177 -9.59 -14.57 -14.73
CA GLY B 177 -9.77 -13.90 -16.01
C GLY B 177 -8.46 -13.52 -16.65
N VAL B 178 -8.35 -13.71 -17.96
CA VAL B 178 -7.15 -13.35 -18.72
C VAL B 178 -7.58 -12.38 -19.82
N ILE B 179 -6.75 -11.37 -20.04
CA ILE B 179 -7.09 -10.26 -20.93
C ILE B 179 -6.04 -10.18 -22.03
N GLU B 180 -6.49 -9.86 -23.24
CA GLU B 180 -5.61 -9.72 -24.39
C GLU B 180 -4.86 -8.40 -24.32
N THR B 181 -3.59 -8.42 -24.72
CA THR B 181 -2.79 -7.21 -24.80
C THR B 181 -1.74 -7.38 -25.90
N THR B 182 -0.89 -6.36 -26.04
CA THR B 182 0.25 -6.41 -26.93
C THR B 182 1.53 -6.39 -26.11
N PHE B 183 2.64 -6.76 -26.76
CA PHE B 183 3.95 -6.70 -26.10
C PHE B 183 4.32 -5.28 -25.73
N LYS B 184 3.94 -4.31 -26.56
CA LYS B 184 4.20 -2.91 -26.24
C LYS B 184 3.45 -2.46 -25.00
N GLU B 185 2.16 -2.83 -24.89
CA GLU B 185 1.34 -2.38 -23.77
C GLU B 185 1.83 -2.96 -22.44
N GLU B 186 2.09 -4.27 -22.42
CA GLU B 186 2.54 -4.92 -21.19
C GLU B 186 3.79 -4.26 -20.65
N THR B 187 4.79 -4.03 -21.50
CA THR B 187 6.04 -3.43 -21.05
C THR B 187 5.83 -2.00 -20.57
N GLU B 188 5.31 -1.14 -21.44
CA GLU B 188 5.28 0.29 -21.15
C GLU B 188 4.40 0.61 -19.95
N THR B 189 3.34 -0.16 -19.73
CA THR B 189 2.55 0.06 -18.52
C THR B 189 3.28 -0.44 -17.28
N ASP B 190 4.03 -1.53 -17.40
CA ASP B 190 4.77 -2.06 -16.26
C ASP B 190 5.90 -1.13 -15.86
N LEU B 191 6.74 -0.73 -16.82
CA LEU B 191 7.84 0.18 -16.53
C LEU B 191 7.36 1.54 -16.05
N PHE B 192 6.22 2.02 -16.59
CA PHE B 192 5.71 3.32 -16.18
C PHE B 192 5.22 3.28 -14.73
N GLY B 193 4.44 2.26 -14.38
CA GLY B 193 3.98 2.13 -13.01
C GLY B 193 5.11 1.99 -12.01
N GLU B 194 6.16 1.26 -12.40
CA GLU B 194 7.34 1.14 -11.53
C GLU B 194 8.03 2.49 -11.36
N GLN B 195 8.18 3.24 -12.45
CA GLN B 195 8.97 4.46 -12.40
C GLN B 195 8.15 5.65 -11.88
N ALA B 196 6.93 5.81 -12.38
CA ALA B 196 6.16 7.01 -12.09
C ALA B 196 5.27 6.91 -10.85
N VAL B 197 4.83 5.71 -10.49
CA VAL B 197 3.85 5.58 -9.42
C VAL B 197 4.31 4.66 -8.31
N LEU B 198 4.43 3.36 -8.60
CA LEU B 198 4.54 2.36 -7.52
C LEU B 198 5.85 2.51 -6.75
N CYS B 199 6.96 2.67 -7.46
CA CYS B 199 8.28 2.66 -6.82
C CYS B 199 8.92 4.04 -6.84
N GLY B 200 9.22 4.59 -8.02
CA GLY B 200 9.83 5.91 -8.07
C GLY B 200 8.97 6.98 -7.45
N GLY B 201 7.69 7.01 -7.81
CA GLY B 201 6.78 8.05 -7.33
C GLY B 201 6.53 8.07 -5.84
N VAL B 202 6.07 6.94 -5.29
CA VAL B 202 5.69 6.90 -3.87
C VAL B 202 6.91 7.04 -2.97
N SER B 203 8.03 6.40 -3.34
CA SER B 203 9.21 6.45 -2.49
C SER B 203 9.70 7.88 -2.31
N LYS B 204 9.77 8.65 -3.39
CA LYS B 204 10.20 10.04 -3.25
C LYS B 204 9.15 10.89 -2.54
N LEU B 205 7.86 10.58 -2.70
CA LEU B 205 6.84 11.25 -1.89
C LEU B 205 7.12 11.03 -0.41
N ILE B 206 7.30 9.77 -0.01
CA ILE B 206 7.52 9.45 1.39
C ILE B 206 8.84 10.04 1.87
N GLN B 207 9.88 9.95 1.03
CA GLN B 207 11.17 10.55 1.38
C GLN B 207 11.04 12.06 1.55
N SER B 208 10.44 12.73 0.55
CA SER B 208 10.30 14.19 0.62
C SER B 208 9.37 14.60 1.76
N GLY B 209 8.32 13.83 2.01
CA GLY B 209 7.46 14.11 3.14
C GLY B 209 8.18 13.93 4.47
N PHE B 210 8.95 12.85 4.59
CA PHE B 210 9.76 12.64 5.79
C PHE B 210 10.80 13.74 5.93
N GLU B 211 11.44 14.11 4.83
CA GLU B 211 12.42 15.20 4.85
C GLU B 211 11.77 16.51 5.30
N THR B 212 10.57 16.78 4.81
CA THR B 212 9.90 18.03 5.17
C THR B 212 9.60 18.10 6.66
N LEU B 213 9.14 16.99 7.25
CA LEU B 213 8.85 16.98 8.68
C LEU B 213 10.12 17.07 9.52
N VAL B 214 11.11 16.24 9.21
CA VAL B 214 12.31 16.17 10.04
C VAL B 214 13.06 17.48 10.01
N GLU B 215 13.12 18.13 8.85
CA GLU B 215 13.75 19.45 8.78
C GLU B 215 12.96 20.47 9.58
N ALA B 216 11.66 20.24 9.78
CA ALA B 216 10.81 21.13 10.56
C ALA B 216 10.90 20.87 12.06
N GLY B 217 11.75 19.95 12.49
CA GLY B 217 11.98 19.73 13.91
C GLY B 217 11.09 18.73 14.60
N TYR B 218 10.30 17.96 13.87
CA TYR B 218 9.49 16.93 14.51
C TYR B 218 10.33 15.67 14.76
N GLN B 219 9.82 14.82 15.65
CA GLN B 219 10.50 13.59 15.99
C GLN B 219 10.57 12.67 14.77
N PRO B 220 11.76 12.18 14.40
CA PRO B 220 11.85 11.32 13.20
C PRO B 220 11.06 10.04 13.31
N GLU B 221 10.99 9.43 14.50
CA GLU B 221 10.24 8.20 14.65
C GLU B 221 8.75 8.43 14.43
N LEU B 222 8.21 9.54 14.93
CA LEU B 222 6.82 9.89 14.61
C LEU B 222 6.67 10.14 13.12
N ALA B 223 7.61 10.88 12.52
CA ALA B 223 7.52 11.20 11.09
C ALA B 223 7.54 9.94 10.23
N TYR B 224 8.17 8.87 10.68
CA TYR B 224 8.19 7.64 9.90
C TYR B 224 6.85 6.98 9.89
N PHE B 225 6.03 7.26 10.88
CA PHE B 225 4.74 6.59 10.98
C PHE B 225 3.71 7.25 10.13
N GLU B 226 3.89 8.52 9.88
CA GLU B 226 2.94 9.26 9.11
C GLU B 226 3.15 9.14 7.66
N VAL B 227 4.36 8.87 7.25
CA VAL B 227 4.65 8.85 5.85
C VAL B 227 4.87 7.45 5.31
N LEU B 228 5.14 6.48 6.17
CA LEU B 228 5.43 5.15 5.66
C LEU B 228 4.50 4.15 6.24
N HIS B 229 4.60 3.94 7.53
CA HIS B 229 3.82 2.88 8.15
C HIS B 229 2.34 3.01 7.95
N GLU B 230 1.77 4.14 8.32
CA GLU B 230 0.31 4.21 8.25
C GLU B 230 -0.22 4.00 6.84
N MET B 231 0.64 4.01 5.82
CA MET B 231 0.15 3.92 4.44
C MET B 231 -0.49 2.57 4.14
N LYS B 232 -0.05 1.51 4.82
CA LYS B 232 -0.62 0.19 4.56
C LYS B 232 -2.12 0.18 4.82
N LEU B 233 -2.55 0.95 5.82
CA LEU B 233 -3.97 1.01 6.15
C LEU B 233 -4.75 1.64 4.99
N ILE B 234 -4.25 2.74 4.46
CA ILE B 234 -4.93 3.44 3.37
C ILE B 234 -4.92 2.60 2.10
N VAL B 235 -3.77 2.00 1.78
CA VAL B 235 -3.65 1.24 0.55
C VAL B 235 -4.51 -0.03 0.61
N ASP B 236 -4.62 -0.63 1.79
CA ASP B 236 -5.52 -1.78 1.96
C ASP B 236 -6.96 -1.39 1.63
N LEU B 237 -7.39 -0.20 2.06
CA LEU B 237 -8.72 0.27 1.72
C LEU B 237 -8.88 0.43 0.21
N MET B 238 -7.84 0.96 -0.45
CA MET B 238 -7.91 1.18 -1.89
C MET B 238 -7.89 -0.15 -2.65
N TYR B 239 -7.19 -1.15 -2.11
CA TYR B 239 -7.18 -2.48 -2.71
C TYR B 239 -8.57 -3.10 -2.68
N GLU B 240 -9.27 -2.99 -1.56
CA GLU B 240 -10.54 -3.68 -1.38
C GLU B 240 -11.69 -2.96 -2.09
N GLY B 241 -11.66 -1.63 -2.13
CA GLY B 241 -12.81 -0.90 -2.63
C GLY B 241 -12.52 0.32 -3.47
N GLY B 242 -11.26 0.56 -3.82
CA GLY B 242 -10.92 1.70 -4.65
C GLY B 242 -10.87 3.00 -3.88
N MET B 243 -10.59 4.08 -4.61
CA MET B 243 -10.48 5.39 -3.98
C MET B 243 -11.77 5.83 -3.29
N GLU B 244 -12.94 5.43 -3.82
CA GLU B 244 -14.17 5.81 -3.14
C GLU B 244 -14.23 5.20 -1.75
N ASN B 245 -13.57 4.06 -1.54
CA ASN B 245 -13.55 3.44 -0.22
C ASN B 245 -12.62 4.17 0.74
N VAL B 246 -11.50 4.68 0.25
CA VAL B 246 -10.57 5.43 1.11
C VAL B 246 -11.23 6.69 1.63
N ARG B 247 -11.85 7.45 0.76
CA ARG B 247 -12.41 8.71 1.19
C ARG B 247 -13.67 8.54 2.00
N TYR B 248 -14.16 7.32 2.10
CA TYR B 248 -15.35 7.07 2.88
C TYR B 248 -14.93 6.60 4.23
N SER B 249 -14.04 5.62 4.26
CA SER B 249 -13.62 5.05 5.50
C SER B 249 -12.94 6.06 6.39
N ILE B 250 -12.15 6.93 5.81
CA ILE B 250 -11.39 7.88 6.60
C ILE B 250 -12.24 8.93 7.25
N SER B 251 -11.60 9.89 7.89
CA SER B 251 -12.31 10.90 8.64
C SER B 251 -12.55 12.12 7.85
N ASN B 252 -13.60 12.84 8.18
CA ASN B 252 -13.88 14.00 7.35
C ASN B 252 -12.72 15.01 7.33
N THR B 253 -11.98 15.10 8.43
CA THR B 253 -10.82 15.99 8.47
C THR B 253 -9.78 15.58 7.44
N ALA B 254 -9.50 14.27 7.36
CA ALA B 254 -8.54 13.79 6.36
C ALA B 254 -9.10 13.88 4.96
N GLU B 255 -10.39 13.59 4.79
CA GLU B 255 -11.01 13.65 3.48
C GLU B 255 -10.99 15.08 2.93
N PHE B 256 -11.34 16.05 3.78
CA PHE B 256 -11.27 17.46 3.38
C PHE B 256 -9.85 17.87 3.03
N GLY B 257 -8.87 17.45 3.85
CA GLY B 257 -7.49 17.77 3.55
C GLY B 257 -7.02 17.14 2.25
N ASP B 258 -7.49 15.92 1.96
CA ASP B 258 -7.17 15.29 0.69
C ASP B 258 -7.60 16.17 -0.48
N TYR B 259 -8.85 16.63 -0.46
CA TYR B 259 -9.39 17.35 -1.60
C TYR B 259 -8.69 18.68 -1.83
N VAL B 260 -8.31 19.37 -0.74
CA VAL B 260 -7.77 20.72 -0.87
C VAL B 260 -6.25 20.75 -1.01
N SER B 261 -5.54 19.77 -0.44
CA SER B 261 -4.08 19.78 -0.45
C SER B 261 -3.46 18.85 -1.48
N GLY B 262 -4.17 17.80 -1.90
CA GLY B 262 -3.68 16.89 -2.91
C GLY B 262 -3.20 17.59 -4.18
N PRO B 263 -4.07 18.36 -4.83
CA PRO B 263 -3.65 19.10 -6.03
C PRO B 263 -2.65 20.20 -5.75
N ARG B 264 -2.42 20.59 -4.49
CA ARG B 264 -1.36 21.54 -4.20
C ARG B 264 0.01 20.89 -4.21
N VAL B 265 0.10 19.60 -3.87
CA VAL B 265 1.36 18.89 -3.83
C VAL B 265 1.65 18.31 -5.21
N ILE B 266 0.73 17.50 -5.72
CA ILE B 266 0.88 16.90 -7.06
C ILE B 266 0.19 17.87 -8.02
N THR B 267 0.96 18.84 -8.52
CA THR B 267 0.46 19.88 -9.39
C THR B 267 0.41 19.37 -10.83
N PRO B 268 -0.17 20.14 -11.75
CA PRO B 268 -0.05 19.78 -13.17
C PRO B 268 1.39 19.64 -13.64
N ASP B 269 2.33 20.31 -12.97
CA ASP B 269 3.75 20.14 -13.28
C ASP B 269 4.16 18.68 -13.10
N VAL B 270 3.66 18.03 -12.04
CA VAL B 270 4.06 16.66 -11.75
C VAL B 270 3.55 15.72 -12.84
N LYS B 271 2.32 15.95 -13.33
CA LYS B 271 1.82 15.13 -14.43
C LYS B 271 2.65 15.33 -15.70
N GLU B 272 3.14 16.55 -15.93
CA GLU B 272 4.03 16.78 -17.06
C GLU B 272 5.31 15.97 -16.93
N ASN B 273 5.86 15.90 -15.71
CA ASN B 273 7.02 15.07 -15.47
C ASN B 273 6.72 13.59 -15.75
N MET B 274 5.49 13.16 -15.46
CA MET B 274 5.13 11.76 -15.70
C MET B 274 5.11 11.44 -17.18
N LYS B 275 4.69 12.40 -18.02
CA LYS B 275 4.74 12.18 -19.46
C LYS B 275 6.18 12.07 -19.95
N ALA B 276 7.09 12.85 -19.36
CA ALA B 276 8.50 12.78 -19.76
C ALA B 276 9.08 11.39 -19.50
N VAL B 277 8.82 10.83 -18.32
CA VAL B 277 9.34 9.49 -18.03
C VAL B 277 8.66 8.47 -18.92
N LEU B 278 7.38 8.67 -19.24
CA LEU B 278 6.70 7.77 -20.16
C LEU B 278 7.28 7.87 -21.56
N THR B 279 7.59 9.09 -22.01
CA THR B 279 8.19 9.26 -23.33
C THR B 279 9.54 8.57 -23.42
N ASP B 280 10.37 8.73 -22.38
CA ASP B 280 11.67 8.08 -22.36
C ASP B 280 11.57 6.57 -22.24
N ILE B 281 10.44 6.06 -21.74
CA ILE B 281 10.20 4.62 -21.77
C ILE B 281 9.81 4.18 -23.18
N GLN B 282 8.97 4.97 -23.85
CA GLN B 282 8.47 4.59 -25.16
C GLN B 282 9.58 4.59 -26.21
N ASN B 283 10.46 5.59 -26.18
CA ASN B 283 11.47 5.79 -27.21
C ASN B 283 12.74 4.98 -26.98
N GLY B 284 12.81 4.20 -25.91
CA GLY B 284 13.95 3.34 -25.66
C GLY B 284 15.13 3.98 -24.95
N ASN B 285 15.03 5.25 -24.55
CA ASN B 285 16.12 5.88 -23.81
C ASN B 285 16.36 5.18 -22.48
N PHE B 286 15.29 4.81 -21.78
CA PHE B 286 15.44 4.08 -20.52
C PHE B 286 16.06 2.70 -20.76
N SER B 287 15.50 1.95 -21.71
CA SER B 287 16.01 0.61 -21.97
C SER B 287 17.47 0.65 -22.39
N ASN B 288 17.84 1.64 -23.22
CA ASN B 288 19.24 1.78 -23.60
C ASN B 288 20.10 2.14 -22.39
N ARG B 289 19.59 3.02 -21.53
CA ARG B 289 20.34 3.38 -20.32
C ARG B 289 20.54 2.19 -19.40
N PHE B 290 19.50 1.35 -19.26
CA PHE B 290 19.63 0.18 -18.39
C PHE B 290 20.57 -0.85 -19.00
N ILE B 291 20.44 -1.10 -20.30
CA ILE B 291 21.26 -2.12 -20.95
C ILE B 291 22.72 -1.70 -20.99
N GLU B 292 22.99 -0.44 -21.34
CA GLU B 292 24.37 0.04 -21.40
CA GLU B 292 24.38 0.01 -21.40
C GLU B 292 25.06 -0.12 -20.05
N ASP B 293 24.33 0.13 -18.96
CA ASP B 293 24.91 -0.01 -17.64
C ASP B 293 25.09 -1.48 -17.26
N ASN B 294 24.17 -2.34 -17.68
CA ASN B 294 24.34 -3.77 -17.42
C ASN B 294 25.58 -4.31 -18.11
N LYS B 295 25.81 -3.89 -19.36
CA LYS B 295 27.00 -4.34 -20.08
C LYS B 295 28.26 -3.74 -19.48
N ASN B 296 28.15 -2.56 -18.87
CA ASN B 296 29.28 -1.96 -18.18
C ASN B 296 29.32 -2.35 -16.70
N GLY B 297 28.71 -3.47 -16.32
CA GLY B 297 28.89 -4.02 -14.98
C GLY B 297 28.08 -3.40 -13.87
N PHE B 298 26.90 -2.86 -14.15
CA PHE B 298 26.03 -2.34 -13.10
C PHE B 298 26.88 -1.56 -12.19
N LYS B 299 27.13 -0.34 -12.57
CA LYS B 299 28.07 0.47 -11.89
C LYS B 299 27.32 1.59 -11.29
N GLU B 300 26.51 2.25 -12.09
CA GLU B 300 25.69 3.30 -11.56
C GLU B 300 24.56 2.65 -10.80
N PHE B 301 24.21 1.44 -11.18
CA PHE B 301 23.20 0.75 -10.43
C PHE B 301 23.69 0.65 -9.02
N TYR B 302 24.78 -0.03 -8.81
CA TYR B 302 25.20 -0.19 -7.42
C TYR B 302 25.59 1.14 -6.79
N LYS B 303 26.06 2.10 -7.59
CA LYS B 303 26.30 3.43 -7.07
C LYS B 303 25.01 4.05 -6.56
N LEU B 304 23.94 3.96 -7.35
CA LEU B 304 22.65 4.51 -6.92
C LEU B 304 22.03 3.68 -5.80
N ARG B 305 22.21 2.35 -5.85
CA ARG B 305 21.67 1.49 -4.79
C ARG B 305 22.30 1.84 -3.45
N GLU B 306 23.63 1.97 -3.41
CA GLU B 306 24.29 2.38 -2.19
C GLU B 306 23.93 3.81 -1.82
N GLU B 307 23.63 4.65 -2.81
CA GLU B 307 23.27 6.03 -2.52
C GLU B 307 21.97 6.12 -1.72
N GLN B 308 20.97 5.32 -2.11
CA GLN B 308 19.72 5.34 -1.36
C GLN B 308 19.82 4.63 -0.02
N HIS B 309 20.80 3.74 0.12
CA HIS B 309 21.02 3.14 1.43
C HIS B 309 21.68 4.19 2.32
N GLY B 310 21.31 4.18 3.60
CA GLY B 310 21.83 5.21 4.47
C GLY B 310 21.06 6.51 4.42
N HIS B 311 19.95 6.55 3.69
CA HIS B 311 19.01 7.64 3.85
C HIS B 311 18.51 7.64 5.29
N GLN B 312 18.22 8.83 5.82
CA GLN B 312 17.76 8.91 7.20
C GLN B 312 16.52 8.06 7.43
N ILE B 313 15.65 7.96 6.42
CA ILE B 313 14.42 7.16 6.56
C ILE B 313 14.75 5.69 6.81
N GLU B 314 15.86 5.20 6.26
CA GLU B 314 16.17 3.79 6.44
C GLU B 314 16.79 3.52 7.80
N LYS B 315 17.67 4.43 8.26
CA LYS B 315 18.19 4.33 9.62
C LYS B 315 17.06 4.33 10.64
N VAL B 316 16.07 5.22 10.45
CA VAL B 316 14.97 5.32 11.40
C VAL B 316 14.13 4.04 11.37
N GLY B 317 13.75 3.59 10.17
CA GLY B 317 12.90 2.42 10.06
C GLY B 317 13.50 1.17 10.69
N ARG B 318 14.83 1.04 10.66
CA ARG B 318 15.46 -0.10 11.32
C ARG B 318 15.31 -0.02 12.83
N GLU B 319 15.42 1.19 13.39
CA GLU B 319 15.34 1.34 14.84
C GLU B 319 13.95 0.97 15.35
N LEU B 320 12.91 1.27 14.58
CA LEU B 320 11.56 0.94 15.00
C LEU B 320 11.33 -0.56 15.01
N ARG B 321 11.84 -1.27 14.00
CA ARG B 321 11.54 -2.70 13.89
C ARG B 321 12.39 -3.56 14.83
N GLU B 322 13.43 -3.01 15.44
CA GLU B 322 14.05 -3.67 16.58
C GLU B 322 12.98 -3.85 17.64
N MET B 323 12.48 -2.71 18.11
CA MET B 323 11.38 -2.66 19.08
C MET B 323 10.21 -3.56 18.68
N MET B 324 9.79 -3.49 17.42
CA MET B 324 8.48 -4.03 17.07
C MET B 324 8.48 -5.55 17.11
N PRO B 325 7.31 -6.16 17.35
CA PRO B 325 7.20 -7.62 17.26
C PRO B 325 6.64 -8.07 15.92
N PHE B 326 7.26 -9.09 15.33
CA PHE B 326 6.84 -9.64 14.03
C PHE B 326 6.82 -8.58 12.94
C01 A1AKJ C . -7.04 7.41 10.11
C02 A1AKJ C . -8.34 7.80 9.87
C04 A1AKJ C . -7.80 10.02 10.38
C06 A1AKJ C . -6.13 8.39 10.49
C08 A1AKJ C . -8.68 5.55 9.41
C13 A1AKJ C . -9.41 4.28 9.01
C14 A1AKJ C . -10.79 4.21 9.14
C15 A1AKJ C . -11.46 3.06 8.79
C16 A1AKJ C . -10.75 1.96 8.33
C17 A1AKJ C . -9.37 2.03 8.21
C18 A1AKJ C . -8.70 3.18 8.56
N03 A1AKJ C . -8.70 9.10 10.02
N05 A1AKJ C . -6.53 9.67 10.62
N09 A1AKJ C . -9.21 6.77 9.49
O10 A1AKJ C . -4.99 8.10 10.70
O11 A1AKJ C . -8.15 11.15 10.50
O12 A1AKJ C . -5.59 10.64 11.00
S07 A1AKJ C . -7.04 5.71 9.81
MG MG D . -4.03 10.00 11.58
MG MG E . -6.29 12.34 11.43
C01 A1AKJ F . 7.06 -7.09 -9.53
C02 A1AKJ F . 8.42 -7.20 -9.36
C04 A1AKJ F . 8.80 -6.15 -11.40
C06 A1AKJ F . 6.60 -6.47 -10.68
C08 A1AKJ F . 7.84 -8.24 -7.37
C13 A1AKJ F . 7.98 -8.94 -6.01
C14 A1AKJ F . 9.13 -9.65 -5.72
C15 A1AKJ F . 9.27 -10.28 -4.50
C16 A1AKJ F . 8.25 -10.19 -3.56
C17 A1AKJ F . 7.10 -9.47 -3.86
C18 A1AKJ F . 6.97 -8.83 -5.08
N03 A1AKJ F . 9.27 -6.74 -10.30
N05 A1AKJ F . 7.47 -6.02 -11.59
N09 A1AKJ F . 8.82 -7.84 -8.17
O10 A1AKJ F . 5.43 -6.35 -10.86
O11 A1AKJ F . 9.56 -5.74 -12.21
O12 A1AKJ F . 7.01 -5.39 -12.76
S07 A1AKJ F . 6.38 -7.81 -8.12
MG MG G . 5.05 -5.89 -12.92
MG MG H . 8.42 -5.21 -14.10
#